data_6KKR
#
_entry.id   6KKR
#
_cell.length_a   1.00
_cell.length_b   1.00
_cell.length_c   1.00
_cell.angle_alpha   90.00
_cell.angle_beta   90.00
_cell.angle_gamma   90.00
#
_symmetry.space_group_name_H-M   'P 1'
#
loop_
_entity.id
_entity.type
_entity.pdbx_description
1 polymer 'Solute carrier family 12 member 4'
2 branched 2-acetamido-2-deoxy-beta-D-glucopyranose-(1-4)-2-acetamido-2-deoxy-beta-D-glucopyranose
3 branched alpha-D-glucopyranose-(1-4)-beta-D-glucopyranose
4 non-polymer 'CHLORIDE ION'
5 non-polymer 'POTASSIUM ION'
6 non-polymer "2-[2-[(1~{S},2~{S},4~{S},5'~{R},6~{R},7~{S},8~{R},9~{S},12~{S},13~{R},16~{S})-5',7,9,13-tetramethylspiro[5-oxapentacyclo[10.8.0.0^{2,9}.0^{4,8}.0^{13,18}]icos-18-ene-6,2'-oxane]-16-yl]oxyethyl]propane-1,3-diol"
#
_entity_poly.entity_id   1
_entity_poly.type   'polypeptide(L)'
_entity_poly.pdbx_seq_one_letter_code
;MPHFTVVPVDGPRRGDYDNLEGLSWVDYGERAELDDSDGHGNHRESSPFLSPLEASRGIDYYDRNLALFEEELDIRPKVS
SLLGKLVSYTNLTQGAKEHEEAESGEGTRRRAAEAPSMGTLMGVYLPCLQNIFGVILFLRLTWMVGTAGVLQALLIVLIC
CCCTLLTAISMSAIATNGVVPAGGSYFMISRSLGPEFGGAVGLCFYLGTTFAAAMYILGAIEILLTYIAPPAAIFYPSGA
HDTSNATLNNMRVYGTIFLTFMTLVVFVGVKYVNKFASLFLACVIISILSIYAGGIKSIFDPPVFPVCMLGNRTLSRDQF
DICAKTAVVDNETVATQLWSFFCHSPNLTTDSCDPYFMLNNVTEIPGIPGAAAGVLQENLWSAYLEKGDIVEKHGLPSAD
APSLKESLPLYVVADIATSFTVLVGIFFPSVTGIMAGSNRSGDLRDAQKSIPVGTILAIITTSLVYFSSVVLFGACIEGV
VLRDKYGDGVSRNLVVGTLAWPSPWVIVIGSFFSTCGAGLQSLTGAPRLLQAIAKDNIIPFLRVFGHGKVNGEPTWALLL
TALIAELGILIASLDMVAPILSMFFLMCYLFVNLACAVQTLLRTPNWRPRFKYYHWALSFLGMSLCLALMFVSSWYYALV
AMLIAGMIYKYIEYQGAEKEWGDGIRGLSLSAARYALLRLEEGPPHTKNWRPQLLVLLKLDEDLHVKYPRLLTFASQLKA
GKGLTIVGSVIQGSFLESYGEAQAAEQTIKNMMEIEKVKGFCQVVVASKVREGLAHLIQSCGLGGMRHNSVVLGWPYGWR
QSEDPRAWKTFIDTVRCTTAAHLALLVPKNIAFYPSNHERYLEGHIDVWWIVHDGGMLMLLPFLLRQHKVWRKCRMRIFT
VAQMDDNSIQMKKDLAVFLYHLRLEAEVEVVEMHNSDISAYTYERTLMMEQRSQMLRQMRLTKTEREREAQLVKDRHSAL
RLESLYSDEEDESAVGADKIQMTWTRDKYMTETWDPSHAPDNFRELVHIKPDQSNVRRMHTAVKLNEVIVTRSHDARLVL
LNMPGPPRNSEGDENYMEFLEVLTEGLERVLLVRGGGREVITIYSLEWSHPQFEK
;
_entity_poly.pdbx_strand_id   A,B
#
loop_
_chem_comp.id
_chem_comp.type
_chem_comp.name
_chem_comp.formula
BGC D-saccharide, beta linking beta-D-glucopyranose 'C6 H12 O6'
CL non-polymer 'CHLORIDE ION' 'Cl -1'
DU0 non-polymer 2-[2-[(1~{S},2~{S},4~{S},5'~{R},6~{R},7~{S},8~{R},9~{S},12~{S},13~{R},16~{S})-5',7,9,13-tetramethylspiro[5-oxapentacyclo[10.8.0.0^{2,9}.0^{4,8}.0^{13,18}]icos-18-ene-6,2'-oxane]-16-yl]oxyethyl]propane-1,3-diol 'C32 H52 O5'
GLC D-saccharide, alpha linking alpha-D-glucopyranose 'C6 H12 O6'
K non-polymer 'POTASSIUM ION' 'K 1'
NAG D-saccharide, beta linking 2-acetamido-2-deoxy-beta-D-glucopyranose 'C8 H15 N O6'
#
# COMPACT_ATOMS: atom_id res chain seq x y z
N PRO A 116 4.15 -37.95 32.89
CA PRO A 116 3.66 -36.59 32.61
C PRO A 116 2.90 -35.99 33.79
N SER A 117 3.30 -34.78 34.21
CA SER A 117 2.68 -34.11 35.34
C SER A 117 2.72 -32.60 35.09
N MET A 118 1.65 -32.08 34.47
CA MET A 118 1.45 -30.65 34.32
C MET A 118 -0.02 -30.36 34.58
N GLY A 119 -0.29 -29.42 35.47
CA GLY A 119 -1.65 -29.08 35.81
C GLY A 119 -2.31 -28.22 34.75
N THR A 120 -3.56 -27.87 35.03
CA THR A 120 -4.28 -26.92 34.17
C THR A 120 -3.66 -25.53 34.27
N LEU A 121 -3.15 -25.17 35.44
CA LEU A 121 -2.66 -23.81 35.67
C LEU A 121 -1.35 -23.56 34.93
N MET A 122 -0.30 -24.32 35.27
CA MET A 122 1.00 -24.09 34.64
C MET A 122 1.14 -24.77 33.30
N GLY A 123 0.15 -25.51 32.84
CA GLY A 123 0.27 -26.22 31.58
C GLY A 123 -0.49 -25.61 30.42
N VAL A 124 -1.69 -25.09 30.69
CA VAL A 124 -2.54 -24.56 29.63
C VAL A 124 -2.82 -23.08 29.89
N TYR A 125 -3.17 -22.74 31.14
CA TYR A 125 -3.69 -21.42 31.44
C TYR A 125 -2.62 -20.35 31.37
N LEU A 126 -1.49 -20.57 32.03
CA LEU A 126 -0.42 -19.58 32.03
C LEU A 126 0.26 -19.34 30.66
N PRO A 127 0.51 -20.35 29.80
CA PRO A 127 1.00 -19.99 28.45
C PRO A 127 -0.01 -19.25 27.59
N CYS A 128 -1.30 -19.59 27.68
CA CYS A 128 -2.32 -18.80 26.99
C CYS A 128 -2.35 -17.36 27.49
N LEU A 129 -2.30 -17.17 28.80
CA LEU A 129 -2.37 -15.82 29.35
C LEU A 129 -1.09 -15.04 29.10
N GLN A 130 0.04 -15.73 28.92
CA GLN A 130 1.27 -15.08 28.51
C GLN A 130 1.27 -14.71 27.04
N ASN A 131 0.60 -15.49 26.19
CA ASN A 131 0.59 -15.24 24.77
C ASN A 131 -0.53 -14.32 24.31
N ILE A 132 -1.58 -14.13 25.10
CA ILE A 132 -2.66 -13.23 24.67
C ILE A 132 -2.31 -11.78 24.99
N PHE A 133 -1.80 -11.48 26.18
CA PHE A 133 -1.39 -10.12 26.50
C PHE A 133 -0.13 -9.76 25.72
N GLY A 134 -0.02 -8.48 25.36
CA GLY A 134 1.07 -8.07 24.50
C GLY A 134 1.26 -6.58 24.29
N VAL A 135 1.47 -6.20 23.04
CA VAL A 135 1.98 -4.87 22.73
C VAL A 135 0.85 -3.85 22.66
N ILE A 136 -0.33 -4.26 22.21
CA ILE A 136 -1.37 -3.31 21.84
C ILE A 136 -2.15 -2.83 23.07
N LEU A 137 -2.08 -3.58 24.18
CA LEU A 137 -2.69 -3.10 25.42
C LEU A 137 -1.97 -1.89 25.97
N PHE A 138 -0.69 -1.73 25.68
CA PHE A 138 0.08 -0.63 26.23
C PHE A 138 0.38 0.48 25.23
N LEU A 139 0.09 0.27 23.95
CA LEU A 139 0.40 1.29 22.94
C LEU A 139 -0.81 1.80 22.18
N ARG A 140 -1.78 0.95 21.87
CA ARG A 140 -2.86 1.34 20.98
C ARG A 140 -4.25 1.16 21.56
N LEU A 141 -4.39 0.96 22.88
CA LEU A 141 -5.72 0.78 23.43
C LEU A 141 -6.34 2.09 23.90
N THR A 142 -5.53 2.97 24.51
CA THR A 142 -6.02 4.30 24.86
C THR A 142 -6.34 5.12 23.62
N TRP A 143 -5.53 4.98 22.57
CA TRP A 143 -5.82 5.65 21.30
C TRP A 143 -7.11 5.14 20.69
N MET A 144 -7.36 3.83 20.82
CA MET A 144 -8.58 3.24 20.29
C MET A 144 -9.81 3.70 21.06
N VAL A 145 -9.70 3.79 22.39
CA VAL A 145 -10.80 4.33 23.19
C VAL A 145 -11.07 5.78 22.83
N GLY A 146 -10.02 6.61 22.74
CA GLY A 146 -10.22 8.02 22.42
C GLY A 146 -10.74 8.27 21.02
N THR A 147 -10.35 7.43 20.07
CA THR A 147 -10.84 7.57 18.70
C THR A 147 -12.27 7.05 18.53
N ALA A 148 -12.59 5.89 19.09
CA ALA A 148 -13.87 5.26 18.82
C ALA A 148 -14.96 5.58 19.84
N GLY A 149 -14.62 6.13 21.00
CA GLY A 149 -15.58 6.23 22.08
C GLY A 149 -15.65 4.93 22.86
N VAL A 150 -16.16 5.04 24.08
CA VAL A 150 -16.26 3.88 24.97
C VAL A 150 -17.22 2.84 24.42
N LEU A 151 -18.33 3.26 23.82
CA LEU A 151 -19.34 2.33 23.32
C LEU A 151 -18.84 1.52 22.12
N GLN A 152 -18.27 2.19 21.12
CA GLN A 152 -17.71 1.44 20.00
C GLN A 152 -16.43 0.69 20.35
N ALA A 153 -15.67 1.14 21.35
CA ALA A 153 -14.53 0.35 21.80
C ALA A 153 -14.96 -0.94 22.48
N LEU A 154 -16.01 -0.88 23.31
CA LEU A 154 -16.59 -2.10 23.88
C LEU A 154 -17.17 -2.99 22.81
N LEU A 155 -17.73 -2.41 21.74
CA LEU A 155 -18.21 -3.21 20.62
C LEU A 155 -17.07 -3.92 19.89
N ILE A 156 -15.94 -3.24 19.69
CA ILE A 156 -14.77 -3.87 19.06
C ILE A 156 -14.24 -5.01 19.94
N VAL A 157 -14.14 -4.79 21.25
CA VAL A 157 -13.65 -5.83 22.15
C VAL A 157 -14.61 -7.01 22.20
N LEU A 158 -15.93 -6.75 22.15
CA LEU A 158 -16.91 -7.83 22.19
C LEU A 158 -16.91 -8.64 20.90
N ILE A 159 -16.77 -7.99 19.74
CA ILE A 159 -16.77 -8.72 18.48
C ILE A 159 -15.47 -9.51 18.31
N CYS A 160 -14.34 -8.94 18.71
CA CYS A 160 -13.07 -9.64 18.53
C CYS A 160 -12.88 -10.77 19.53
N CYS A 161 -13.62 -10.78 20.64
CA CYS A 161 -13.53 -11.86 21.62
C CYS A 161 -14.64 -12.89 21.47
N CYS A 162 -15.37 -12.87 20.36
CA CYS A 162 -16.30 -13.94 20.04
C CYS A 162 -15.82 -14.82 18.90
N CYS A 163 -14.90 -14.34 18.07
CA CYS A 163 -14.18 -15.24 17.17
C CYS A 163 -13.32 -16.22 17.94
N THR A 164 -12.56 -15.74 18.92
CA THR A 164 -11.67 -16.58 19.71
C THR A 164 -12.38 -17.48 20.70
N LEU A 165 -13.54 -17.08 21.23
CA LEU A 165 -14.27 -17.94 22.14
C LEU A 165 -14.89 -19.13 21.41
N LEU A 166 -15.47 -18.88 20.24
CA LEU A 166 -16.02 -19.97 19.44
C LEU A 166 -14.91 -20.83 18.85
N THR A 167 -13.75 -20.23 18.55
CA THR A 167 -12.61 -21.01 18.11
C THR A 167 -12.07 -21.90 19.23
N ALA A 168 -12.13 -21.41 20.47
CA ALA A 168 -11.77 -22.26 21.61
C ALA A 168 -12.79 -23.36 21.86
N ILE A 169 -14.07 -23.10 21.60
CA ILE A 169 -15.06 -24.17 21.68
C ILE A 169 -14.80 -25.25 20.61
N SER A 170 -14.35 -24.86 19.42
CA SER A 170 -13.95 -25.84 18.42
C SER A 170 -12.65 -26.57 18.77
N MET A 171 -11.67 -25.87 19.35
CA MET A 171 -10.46 -26.55 19.81
C MET A 171 -10.72 -27.48 20.99
N SER A 172 -11.74 -27.21 21.80
CA SER A 172 -12.18 -28.14 22.81
C SER A 172 -12.79 -29.41 22.22
N ALA A 173 -13.48 -29.30 21.09
CA ALA A 173 -13.96 -30.49 20.40
C ALA A 173 -12.81 -31.25 19.74
N ILE A 174 -11.74 -30.54 19.35
CA ILE A 174 -10.52 -31.23 18.93
C ILE A 174 -9.90 -32.00 20.08
N ALA A 175 -9.79 -31.36 21.26
CA ALA A 175 -9.10 -31.97 22.39
C ALA A 175 -9.90 -33.11 23.02
N THR A 176 -11.23 -33.03 23.02
CA THR A 176 -12.00 -34.11 23.62
C THR A 176 -12.31 -35.25 22.65
N ASN A 177 -11.54 -35.40 21.58
CA ASN A 177 -11.68 -36.55 20.70
C ASN A 177 -10.38 -37.36 20.69
N GLY A 178 -10.53 -38.68 20.85
CA GLY A 178 -9.40 -39.58 20.67
C GLY A 178 -8.41 -39.62 21.81
N VAL A 179 -7.13 -39.51 21.47
CA VAL A 179 -6.04 -39.80 22.41
C VAL A 179 -5.24 -38.53 22.77
N VAL A 180 -5.39 -37.46 22.01
CA VAL A 180 -4.58 -36.22 22.06
C VAL A 180 -3.11 -36.59 21.91
N PRO A 181 -2.63 -36.78 20.68
CA PRO A 181 -1.22 -37.14 20.47
C PRO A 181 -0.26 -36.07 21.00
N ALA A 182 0.91 -36.53 21.44
CA ALA A 182 1.82 -35.70 22.20
C ALA A 182 2.51 -34.67 21.33
N GLY A 183 2.66 -33.47 21.88
CA GLY A 183 3.46 -32.46 21.22
C GLY A 183 2.67 -31.56 20.29
N GLY A 184 2.58 -30.28 20.62
CA GLY A 184 2.05 -29.29 19.70
C GLY A 184 0.55 -29.31 19.47
N SER A 185 0.04 -28.23 18.89
CA SER A 185 -1.34 -28.17 18.43
C SER A 185 -1.49 -28.55 16.98
N TYR A 186 -0.38 -28.63 16.24
CA TYR A 186 -0.43 -29.08 14.86
C TYR A 186 -0.77 -30.56 14.78
N PHE A 187 -0.18 -31.37 15.67
CA PHE A 187 -0.36 -32.81 15.60
C PHE A 187 -1.75 -33.24 16.03
N MET A 188 -2.37 -32.53 16.99
CA MET A 188 -3.75 -32.80 17.38
C MET A 188 -4.71 -32.61 16.21
N ILE A 189 -4.64 -31.46 15.54
CA ILE A 189 -5.46 -31.16 14.39
C ILE A 189 -5.14 -32.09 13.22
N SER A 190 -3.87 -32.39 12.99
CA SER A 190 -3.47 -33.22 11.87
C SER A 190 -3.90 -34.67 12.04
N ARG A 191 -3.91 -35.18 13.28
CA ARG A 191 -4.34 -36.55 13.50
C ARG A 191 -5.84 -36.67 13.75
N SER A 192 -6.53 -35.59 14.09
CA SER A 192 -7.96 -35.67 14.32
C SER A 192 -8.80 -35.18 13.15
N LEU A 193 -8.20 -34.52 12.17
CA LEU A 193 -8.96 -33.92 11.08
C LEU A 193 -8.44 -34.25 9.69
N GLY A 194 -7.36 -35.01 9.57
CA GLY A 194 -6.81 -35.33 8.28
C GLY A 194 -5.74 -34.35 7.86
N PRO A 195 -4.90 -34.73 6.90
CA PRO A 195 -3.77 -33.87 6.52
C PRO A 195 -4.16 -32.67 5.68
N GLU A 196 -5.38 -32.59 5.16
CA GLU A 196 -5.72 -31.48 4.29
C GLU A 196 -6.07 -30.23 5.08
N PHE A 197 -6.91 -30.38 6.12
CA PHE A 197 -7.22 -29.23 6.97
C PHE A 197 -6.04 -28.86 7.85
N GLY A 198 -5.34 -29.87 8.38
CA GLY A 198 -4.24 -29.64 9.29
C GLY A 198 -3.07 -28.90 8.69
N GLY A 199 -2.76 -29.17 7.41
CA GLY A 199 -1.72 -28.42 6.73
C GLY A 199 -2.04 -26.96 6.55
N ALA A 200 -3.29 -26.65 6.20
CA ALA A 200 -3.73 -25.26 6.08
C ALA A 200 -3.73 -24.53 7.41
N VAL A 201 -4.19 -25.19 8.49
CA VAL A 201 -4.16 -24.58 9.82
C VAL A 201 -2.72 -24.32 10.27
N GLY A 202 -1.84 -25.31 10.12
CA GLY A 202 -0.44 -25.14 10.47
C GLY A 202 0.30 -24.11 9.66
N LEU A 203 0.03 -23.99 8.37
CA LEU A 203 0.69 -22.99 7.54
C LEU A 203 0.21 -21.58 7.83
N CYS A 204 -1.10 -21.37 8.01
CA CYS A 204 -1.59 -20.06 8.41
C CYS A 204 -1.14 -19.65 9.80
N PHE A 205 -1.05 -20.60 10.74
CA PHE A 205 -0.55 -20.28 12.07
C PHE A 205 0.95 -20.01 12.08
N TYR A 206 1.72 -20.70 11.23
CA TYR A 206 3.13 -20.37 11.06
C TYR A 206 3.33 -18.96 10.51
N LEU A 207 2.56 -18.58 9.48
CA LEU A 207 2.70 -17.25 8.92
C LEU A 207 2.25 -16.17 9.91
N GLY A 208 1.20 -16.45 10.67
CA GLY A 208 0.80 -15.56 11.75
C GLY A 208 1.84 -15.38 12.83
N THR A 209 2.50 -16.45 13.26
CA THR A 209 3.55 -16.30 14.26
C THR A 209 4.78 -15.57 13.73
N THR A 210 5.17 -15.83 12.47
CA THR A 210 6.32 -15.12 11.90
C THR A 210 6.06 -13.64 11.66
N PHE A 211 4.81 -13.24 11.39
CA PHE A 211 4.58 -11.80 11.34
C PHE A 211 4.29 -11.19 12.72
N ALA A 212 3.85 -11.99 13.68
CA ALA A 212 3.72 -11.51 15.05
C ALA A 212 5.06 -11.18 15.67
N ALA A 213 6.11 -11.93 15.30
CA ALA A 213 7.45 -11.56 15.72
C ALA A 213 7.86 -10.19 15.20
N ALA A 214 7.51 -9.86 13.96
CA ALA A 214 7.81 -8.55 13.38
C ALA A 214 7.03 -7.44 14.07
N MET A 215 5.76 -7.68 14.39
CA MET A 215 4.98 -6.67 15.10
C MET A 215 5.51 -6.44 16.52
N TYR A 216 5.92 -7.51 17.21
CA TYR A 216 6.49 -7.37 18.54
C TYR A 216 7.85 -6.70 18.54
N ILE A 217 8.63 -6.82 17.46
CA ILE A 217 9.87 -6.06 17.35
C ILE A 217 9.60 -4.59 17.09
N LEU A 218 8.66 -4.28 16.18
CA LEU A 218 8.34 -2.89 15.87
C LEU A 218 7.74 -2.15 17.05
N GLY A 219 6.98 -2.85 17.90
CA GLY A 219 6.52 -2.24 19.15
C GLY A 219 7.62 -1.85 20.10
N ALA A 220 8.61 -2.72 20.31
CA ALA A 220 9.76 -2.39 21.14
C ALA A 220 10.60 -1.27 20.57
N ILE A 221 10.73 -1.19 19.25
CA ILE A 221 11.45 -0.08 18.65
C ILE A 221 10.70 1.23 18.80
N GLU A 222 9.36 1.20 18.70
CA GLU A 222 8.56 2.39 18.95
C GLU A 222 8.70 2.87 20.39
N ILE A 223 8.70 1.93 21.34
CA ILE A 223 8.89 2.27 22.75
C ILE A 223 10.30 2.83 22.99
N LEU A 224 11.31 2.29 22.33
CA LEU A 224 12.68 2.76 22.56
C LEU A 224 12.92 4.12 21.91
N LEU A 225 12.44 4.33 20.69
CA LEU A 225 12.73 5.58 20.01
C LEU A 225 11.83 6.73 20.46
N THR A 226 10.64 6.46 20.99
CA THR A 226 9.77 7.57 21.37
C THR A 226 9.62 7.76 22.87
N TYR A 227 10.06 6.83 23.72
CA TYR A 227 9.87 7.04 25.15
C TYR A 227 11.13 6.83 25.98
N ILE A 228 11.98 5.86 25.63
CA ILE A 228 13.17 5.61 26.46
C ILE A 228 14.31 6.53 26.04
N ALA A 229 14.77 6.41 24.80
CA ALA A 229 15.88 7.20 24.29
C ALA A 229 15.46 7.90 23.01
N PRO A 230 14.89 9.10 23.11
CA PRO A 230 14.60 9.90 21.91
C PRO A 230 15.85 10.32 21.12
N PRO A 231 16.98 10.76 21.72
CA PRO A 231 18.09 11.18 20.84
C PRO A 231 18.89 10.04 20.22
N ALA A 232 18.46 8.78 20.37
CA ALA A 232 19.14 7.65 19.74
C ALA A 232 18.48 7.35 18.39
N ALA A 233 18.43 8.37 17.55
CA ALA A 233 17.77 8.31 16.26
C ALA A 233 18.78 8.60 15.16
N ILE A 234 18.82 7.73 14.13
CA ILE A 234 19.78 7.92 13.06
C ILE A 234 19.30 8.95 12.05
N PHE A 235 18.06 8.79 11.58
CA PHE A 235 17.49 9.66 10.55
C PHE A 235 16.59 10.70 11.20
N TYR A 236 16.75 11.95 10.77
CA TYR A 236 16.05 13.07 11.38
C TYR A 236 15.12 13.73 10.37
N PRO A 237 14.00 14.30 10.83
CA PRO A 237 13.05 14.94 9.90
C PRO A 237 13.57 16.27 9.37
N SER A 238 14.37 16.20 8.31
CA SER A 238 14.93 17.39 7.69
C SER A 238 13.82 18.21 7.01
N GLY A 239 14.12 19.48 6.81
CA GLY A 239 13.13 20.39 6.24
C GLY A 239 12.10 20.78 7.28
N ALA A 240 10.87 20.97 6.79
CA ALA A 240 9.75 21.36 7.66
C ALA A 240 8.80 20.18 7.90
N HIS A 241 8.31 19.58 6.83
CA HIS A 241 7.33 18.51 6.92
C HIS A 241 8.01 17.15 6.71
N ASP A 242 7.17 16.11 6.59
CA ASP A 242 7.59 14.71 6.45
C ASP A 242 8.46 14.25 7.62
N THR A 243 7.85 14.23 8.79
CA THR A 243 8.41 13.57 9.96
C THR A 243 8.12 12.07 9.97
N SER A 244 7.50 11.56 8.92
CA SER A 244 7.13 10.15 8.80
C SER A 244 8.17 9.32 8.06
N ASN A 245 8.79 9.86 7.02
CA ASN A 245 9.78 9.09 6.26
C ASN A 245 11.04 8.85 7.07
N ALA A 246 11.48 9.84 7.85
CA ALA A 246 12.57 9.63 8.78
C ALA A 246 12.20 8.63 9.86
N THR A 247 10.93 8.63 10.29
CA THR A 247 10.46 7.64 11.26
C THR A 247 10.48 6.23 10.68
N LEU A 248 10.03 6.05 9.43
CA LEU A 248 10.03 4.73 8.80
C LEU A 248 11.45 4.23 8.59
N ASN A 249 12.33 5.10 8.08
CA ASN A 249 13.72 4.71 7.88
C ASN A 249 14.46 4.51 9.18
N ASN A 250 13.97 5.11 10.26
CA ASN A 250 14.52 4.89 11.58
C ASN A 250 14.02 3.59 12.20
N MET A 251 12.79 3.17 11.86
CA MET A 251 12.29 1.87 12.30
C MET A 251 12.98 0.72 11.60
N ARG A 252 13.28 0.88 10.29
CA ARG A 252 13.84 -0.22 9.51
C ARG A 252 15.24 -0.63 9.96
N VAL A 253 16.10 0.33 10.31
CA VAL A 253 17.48 0.02 10.70
C VAL A 253 17.52 -0.72 12.02
N TYR A 254 16.81 -0.19 13.02
CA TYR A 254 16.72 -0.87 14.31
C TYR A 254 15.93 -2.17 14.22
N GLY A 255 15.04 -2.31 13.24
CA GLY A 255 14.37 -3.57 13.03
C GLY A 255 15.30 -4.67 12.54
N THR A 256 16.12 -4.36 11.53
CA THR A 256 17.15 -5.29 11.10
C THR A 256 18.15 -5.62 12.21
N ILE A 257 18.56 -4.64 13.01
CA ILE A 257 19.47 -4.91 14.12
C ILE A 257 18.84 -5.81 15.18
N PHE A 258 17.61 -5.53 15.62
CA PHE A 258 17.01 -6.35 16.68
C PHE A 258 16.62 -7.73 16.16
N LEU A 259 16.26 -7.84 14.87
CA LEU A 259 15.95 -9.15 14.32
C LEU A 259 17.21 -10.01 14.18
N THR A 260 18.32 -9.44 13.72
CA THR A 260 19.55 -10.22 13.64
C THR A 260 20.14 -10.52 15.02
N PHE A 261 19.82 -9.72 16.03
CA PHE A 261 20.24 -10.11 17.38
C PHE A 261 19.36 -11.21 17.96
N MET A 262 18.03 -11.08 17.85
CA MET A 262 17.14 -12.05 18.45
C MET A 262 16.96 -13.31 17.61
N THR A 263 17.58 -13.41 16.45
CA THR A 263 17.72 -14.73 15.84
C THR A 263 19.01 -15.43 16.24
N LEU A 264 20.08 -14.69 16.53
CA LEU A 264 21.27 -15.31 17.08
C LEU A 264 21.05 -15.80 18.51
N VAL A 265 20.23 -15.08 19.28
CA VAL A 265 19.89 -15.54 20.63
C VAL A 265 19.11 -16.85 20.58
N VAL A 266 18.15 -16.95 19.64
CA VAL A 266 17.40 -18.18 19.46
C VAL A 266 18.28 -19.28 18.88
N PHE A 267 19.25 -18.96 18.04
CA PHE A 267 20.15 -19.96 17.49
C PHE A 267 21.12 -20.51 18.53
N VAL A 268 21.52 -19.71 19.52
CA VAL A 268 22.49 -20.15 20.50
C VAL A 268 21.85 -20.51 21.84
N GLY A 269 20.90 -19.73 22.33
CA GLY A 269 20.48 -19.78 23.72
C GLY A 269 19.04 -20.18 24.00
N VAL A 270 18.55 -21.27 23.40
CA VAL A 270 17.17 -21.72 23.59
C VAL A 270 16.87 -22.00 25.05
N LYS A 271 17.80 -22.61 25.77
CA LYS A 271 17.57 -22.99 27.16
C LYS A 271 17.46 -21.77 28.07
N TYR A 272 18.14 -20.68 27.72
CA TYR A 272 18.06 -19.45 28.51
C TYR A 272 16.81 -18.65 28.19
N VAL A 273 16.28 -18.78 26.98
CA VAL A 273 14.98 -18.18 26.67
C VAL A 273 13.87 -18.96 27.36
N ASN A 274 13.98 -20.29 27.41
CA ASN A 274 12.97 -21.09 28.11
C ASN A 274 13.07 -20.96 29.62
N LYS A 275 14.26 -20.65 30.16
CA LYS A 275 14.40 -20.53 31.60
C LYS A 275 13.82 -19.22 32.13
N PHE A 276 13.91 -18.14 31.35
CA PHE A 276 13.39 -16.84 31.76
C PHE A 276 12.06 -16.51 31.09
N ALA A 277 11.17 -17.48 30.94
CA ALA A 277 9.92 -17.24 30.24
C ALA A 277 8.82 -16.72 31.17
N SER A 278 8.93 -16.96 32.48
CA SER A 278 7.94 -16.48 33.43
C SER A 278 8.21 -15.05 33.89
N LEU A 279 9.44 -14.56 33.71
CA LEU A 279 9.77 -13.17 34.04
C LEU A 279 9.04 -12.21 33.12
N PHE A 280 8.89 -12.56 31.85
CA PHE A 280 8.15 -11.71 30.91
C PHE A 280 6.65 -11.73 31.16
N LEU A 281 6.15 -12.71 31.90
CA LEU A 281 4.75 -12.72 32.30
C LEU A 281 4.55 -11.93 33.58
N ALA A 282 5.51 -12.02 34.50
CA ALA A 282 5.51 -11.18 35.69
C ALA A 282 5.58 -9.70 35.37
N CYS A 283 6.35 -9.32 34.34
CA CYS A 283 6.38 -7.93 33.88
C CYS A 283 5.02 -7.42 33.41
N VAL A 284 4.30 -8.23 32.63
CA VAL A 284 2.97 -7.88 32.16
C VAL A 284 1.99 -7.73 33.32
N ILE A 285 1.99 -8.68 34.26
CA ILE A 285 1.06 -8.59 35.38
C ILE A 285 1.35 -7.40 36.30
N ILE A 286 2.63 -7.10 36.57
CA ILE A 286 2.96 -5.92 37.37
C ILE A 286 2.58 -4.63 36.65
N SER A 287 2.82 -4.57 35.33
CA SER A 287 2.50 -3.35 34.61
C SER A 287 1.00 -3.18 34.33
N ILE A 288 0.18 -4.22 34.54
CA ILE A 288 -1.27 -4.06 34.51
C ILE A 288 -1.83 -3.68 35.88
N LEU A 289 -1.29 -4.29 36.94
CA LEU A 289 -1.71 -3.95 38.29
C LEU A 289 -1.33 -2.51 38.65
N SER A 290 -0.25 -1.98 38.07
CA SER A 290 0.07 -0.57 38.24
C SER A 290 -0.95 0.37 37.58
N ILE A 291 -1.45 0.01 36.39
CA ILE A 291 -2.52 0.74 35.73
C ILE A 291 -3.75 0.81 36.61
N TYR A 292 -4.18 -0.35 37.14
CA TYR A 292 -5.38 -0.34 37.98
C TYR A 292 -5.15 0.35 39.32
N ALA A 293 -3.95 0.23 39.89
CA ALA A 293 -3.65 0.89 41.15
C ALA A 293 -3.62 2.40 41.03
N GLY A 294 -3.22 2.91 39.86
CA GLY A 294 -3.28 4.35 39.66
C GLY A 294 -4.65 4.84 39.27
N GLY A 295 -5.40 4.02 38.52
CA GLY A 295 -6.77 4.37 38.18
C GLY A 295 -7.72 4.39 39.36
N ILE A 296 -7.42 3.62 40.41
CA ILE A 296 -8.19 3.75 41.64
C ILE A 296 -7.75 4.98 42.44
N LYS A 297 -6.46 5.33 42.43
CA LYS A 297 -5.98 6.53 43.10
C LYS A 297 -6.57 7.79 42.48
N SER A 298 -6.81 7.79 41.17
CA SER A 298 -7.33 8.99 40.50
C SER A 298 -8.74 9.37 40.92
N ILE A 299 -9.46 8.50 41.63
CA ILE A 299 -10.71 8.89 42.26
C ILE A 299 -10.47 9.93 43.35
N PHE A 300 -9.42 9.73 44.15
CA PHE A 300 -9.11 10.61 45.27
C PHE A 300 -8.04 11.63 44.93
N ASP A 301 -6.88 11.19 44.46
CA ASP A 301 -5.73 12.07 44.25
C ASP A 301 -5.23 11.88 42.83
N PRO A 302 -5.77 12.62 41.86
CA PRO A 302 -5.31 12.47 40.48
C PRO A 302 -3.97 13.14 40.28
N PRO A 303 -3.15 12.64 39.35
CA PRO A 303 -1.84 13.26 39.11
C PRO A 303 -1.95 14.54 38.29
N VAL A 304 -0.84 15.26 38.15
CA VAL A 304 -0.84 16.57 37.51
C VAL A 304 -0.14 16.43 36.17
N PHE A 305 -0.91 16.51 35.09
CA PHE A 305 -0.38 16.58 33.72
C PHE A 305 -1.16 17.66 33.00
N PRO A 306 -0.64 18.89 32.94
CA PRO A 306 -1.40 19.97 32.28
C PRO A 306 -1.31 19.86 30.77
N VAL A 307 -2.44 20.14 30.12
CA VAL A 307 -2.56 20.13 28.67
C VAL A 307 -2.87 21.55 28.22
N CYS A 308 -2.01 22.08 27.34
CA CYS A 308 -2.12 23.45 26.86
C CYS A 308 -2.94 23.45 25.57
N MET A 309 -3.95 24.30 25.51
CA MET A 309 -4.81 24.40 24.34
C MET A 309 -5.04 25.85 23.97
N LEU A 310 -5.56 26.03 22.75
CA LEU A 310 -5.75 27.35 22.15
C LEU A 310 -7.05 27.26 21.36
N GLY A 311 -8.16 27.61 22.00
CA GLY A 311 -9.45 27.37 21.40
C GLY A 311 -9.83 25.92 21.54
N ASN A 312 -10.37 25.30 20.48
CA ASN A 312 -10.57 23.86 20.52
C ASN A 312 -9.27 23.11 20.39
N ARG A 313 -8.29 23.70 19.70
CA ARG A 313 -7.11 22.97 19.27
C ARG A 313 -6.15 22.74 20.43
N THR A 314 -5.60 21.54 20.51
CA THR A 314 -4.55 21.22 21.46
C THR A 314 -3.21 21.32 20.74
N LEU A 315 -2.19 21.72 21.48
CA LEU A 315 -0.87 21.94 20.92
C LEU A 315 0.19 21.05 21.54
N SER A 316 1.33 20.96 20.86
CA SER A 316 2.44 20.15 21.34
C SER A 316 3.27 20.91 22.36
N ARG A 317 3.28 20.39 23.59
CA ARG A 317 3.92 21.06 24.71
C ARG A 317 5.44 20.91 24.69
N ASP A 318 5.96 19.97 23.90
CA ASP A 318 7.39 19.67 23.90
C ASP A 318 8.22 20.80 23.28
N GLN A 319 7.60 21.67 22.48
CA GLN A 319 8.36 22.67 21.74
C GLN A 319 8.54 23.97 22.53
N PHE A 320 7.44 24.52 23.03
CA PHE A 320 7.50 25.80 23.73
C PHE A 320 7.69 25.58 25.23
N ASP A 321 7.86 26.67 25.97
CA ASP A 321 8.22 26.62 27.38
C ASP A 321 7.01 26.75 28.29
N ILE A 322 6.31 27.88 28.24
CA ILE A 322 5.24 28.20 29.18
C ILE A 322 3.93 28.35 28.41
N CYS A 323 2.85 27.84 28.98
CA CYS A 323 1.53 27.91 28.36
C CYS A 323 0.85 29.23 28.75
N ALA A 324 1.33 30.29 28.11
CA ALA A 324 0.77 31.62 28.30
C ALA A 324 1.08 32.44 27.06
N LYS A 325 0.19 33.39 26.76
CA LYS A 325 0.38 34.23 25.59
C LYS A 325 1.37 35.35 25.86
N THR A 326 1.33 35.93 27.07
CA THR A 326 2.31 36.91 27.52
C THR A 326 2.79 36.52 28.91
N ALA A 327 3.97 37.00 29.28
CA ALA A 327 4.52 36.76 30.62
C ALA A 327 5.13 38.05 31.13
N VAL A 328 5.68 37.98 32.35
CA VAL A 328 6.29 39.15 33.00
C VAL A 328 7.72 38.77 33.39
N VAL A 329 8.69 39.52 32.87
CA VAL A 329 10.07 39.44 33.35
C VAL A 329 10.50 40.87 33.68
N ASP A 330 11.31 41.02 34.71
CA ASP A 330 11.77 42.35 35.13
C ASP A 330 10.65 43.40 35.13
N ASN A 331 9.56 43.12 35.84
CA ASN A 331 8.43 44.06 35.93
C ASN A 331 8.07 44.65 34.56
N GLU A 332 8.05 43.79 33.55
CA GLU A 332 7.72 44.18 32.18
C GLU A 332 7.03 43.02 31.48
N THR A 333 5.94 43.32 30.79
CA THR A 333 5.20 42.33 30.02
C THR A 333 5.91 42.05 28.71
N VAL A 334 6.36 40.81 28.55
CA VAL A 334 7.13 40.36 27.39
C VAL A 334 6.39 39.19 26.76
N ALA A 335 6.36 39.18 25.43
CA ALA A 335 5.84 38.06 24.66
C ALA A 335 6.63 36.79 24.96
N THR A 336 5.92 35.68 25.13
CA THR A 336 6.54 34.42 25.51
C THR A 336 7.22 33.76 24.31
N GLN A 337 7.70 32.55 24.54
CA GLN A 337 8.18 31.74 23.42
C GLN A 337 7.02 31.23 22.58
N LEU A 338 5.84 31.07 23.19
CA LEU A 338 4.66 30.63 22.46
C LEU A 338 4.13 31.72 21.53
N TRP A 339 4.41 32.98 21.84
CA TRP A 339 4.04 34.07 20.93
C TRP A 339 4.89 34.05 19.67
N SER A 340 6.17 33.71 19.80
CA SER A 340 7.12 33.81 18.70
C SER A 340 6.87 32.73 17.65
N PHE A 341 6.30 31.59 18.05
CA PHE A 341 5.98 30.56 17.07
C PHE A 341 4.78 30.91 16.21
N PHE A 342 3.84 31.69 16.72
CA PHE A 342 2.63 32.03 15.98
C PHE A 342 2.69 33.38 15.28
N CYS A 343 3.48 34.33 15.79
CA CYS A 343 3.47 35.67 15.25
C CYS A 343 4.77 36.11 14.59
N HIS A 344 5.85 35.35 14.78
CA HIS A 344 7.15 35.54 14.11
C HIS A 344 7.76 36.91 14.42
N SER A 345 7.54 37.40 15.63
CA SER A 345 8.09 38.66 16.13
C SER A 345 7.94 38.71 17.64
N PRO A 346 8.93 39.24 18.37
CA PRO A 346 8.76 39.45 19.81
C PRO A 346 8.02 40.73 20.18
N ASN A 347 7.34 41.37 19.25
CA ASN A 347 6.63 42.62 19.52
C ASN A 347 5.14 42.32 19.75
N LEU A 348 4.56 42.98 20.74
CA LEU A 348 3.19 42.71 21.14
C LEU A 348 2.15 43.43 20.29
N THR A 349 2.57 44.32 19.38
CA THR A 349 1.61 45.09 18.58
C THR A 349 1.91 44.93 17.10
N THR A 350 2.04 43.68 16.65
CA THR A 350 2.19 43.40 15.23
C THR A 350 0.88 42.89 14.66
N ASP A 351 0.79 42.94 13.33
CA ASP A 351 -0.35 42.41 12.60
C ASP A 351 0.04 41.26 11.67
N SER A 352 1.16 40.59 11.96
CA SER A 352 1.60 39.44 11.19
C SER A 352 1.13 38.12 11.80
N CYS A 353 0.27 38.17 12.82
CA CYS A 353 -0.19 36.95 13.47
C CYS A 353 -1.29 36.30 12.65
N ASP A 354 -1.45 34.99 12.83
CA ASP A 354 -2.63 34.35 12.27
C ASP A 354 -3.87 34.75 13.06
N PRO A 355 -5.00 34.95 12.38
CA PRO A 355 -6.20 35.45 13.10
C PRO A 355 -6.86 34.42 14.00
N TYR A 356 -6.46 33.15 13.99
CA TYR A 356 -6.97 32.23 14.99
C TYR A 356 -6.29 32.44 16.34
N PHE A 357 -4.99 32.72 16.35
CA PHE A 357 -4.28 32.98 17.59
C PHE A 357 -4.70 34.29 18.24
N MET A 358 -5.14 35.26 17.44
CA MET A 358 -5.49 36.56 18.00
C MET A 358 -6.86 36.54 18.66
N LEU A 359 -7.84 35.90 18.03
CA LEU A 359 -9.21 35.90 18.54
C LEU A 359 -9.41 34.95 19.71
N ASN A 360 -8.46 34.05 19.98
CA ASN A 360 -8.67 32.99 20.94
C ASN A 360 -7.65 33.08 22.06
N ASN A 361 -7.97 32.39 23.17
CA ASN A 361 -7.23 32.51 24.40
C ASN A 361 -6.59 31.16 24.75
N VAL A 362 -5.50 31.21 25.50
CA VAL A 362 -4.69 30.01 25.74
C VAL A 362 -4.96 29.50 27.14
N THR A 363 -5.26 28.21 27.26
CA THR A 363 -5.85 27.65 28.47
C THR A 363 -5.23 26.29 28.78
N GLU A 364 -4.88 26.08 30.05
CA GLU A 364 -4.49 24.76 30.53
C GLU A 364 -5.70 24.00 31.08
N ILE A 365 -5.72 22.70 30.84
CA ILE A 365 -6.70 21.80 31.46
C ILE A 365 -5.95 20.67 32.15
N PRO A 366 -6.58 20.01 33.12
CA PRO A 366 -6.00 18.77 33.66
C PRO A 366 -6.09 17.66 32.64
N GLY A 367 -4.95 17.06 32.30
CA GLY A 367 -4.95 15.94 31.37
C GLY A 367 -5.57 14.69 31.95
N ILE A 368 -5.44 14.51 33.25
CA ILE A 368 -6.14 13.44 33.95
C ILE A 368 -7.05 14.08 34.99
N PRO A 369 -8.33 14.30 34.68
CA PRO A 369 -9.24 14.88 35.66
C PRO A 369 -9.74 13.88 36.70
N GLY A 370 -9.32 12.63 36.63
CA GLY A 370 -9.73 11.62 37.58
C GLY A 370 -10.96 10.87 37.11
N ALA A 371 -11.24 9.77 37.79
CA ALA A 371 -12.42 8.97 37.49
C ALA A 371 -13.67 9.69 37.97
N ALA A 372 -14.56 10.01 37.04
CA ALA A 372 -15.80 10.70 37.34
C ALA A 372 -16.83 10.31 36.30
N ALA A 373 -18.08 10.68 36.58
CA ALA A 373 -19.15 10.39 35.62
C ALA A 373 -19.19 11.40 34.49
N GLY A 374 -18.84 12.65 34.77
CA GLY A 374 -18.82 13.67 33.73
C GLY A 374 -17.68 13.51 32.75
N VAL A 375 -16.62 12.81 33.15
CA VAL A 375 -15.54 12.51 32.23
C VAL A 375 -15.90 11.31 31.37
N LEU A 376 -16.51 10.29 31.96
CA LEU A 376 -16.96 9.12 31.22
C LEU A 376 -18.12 9.44 30.30
N GLN A 377 -18.87 10.51 30.57
CA GLN A 377 -19.96 10.93 29.70
C GLN A 377 -19.46 11.62 28.43
N GLU A 378 -18.33 12.32 28.51
CA GLU A 378 -17.82 13.03 27.35
C GLU A 378 -16.99 12.15 26.42
N ASN A 379 -16.36 11.10 26.95
CA ASN A 379 -15.58 10.16 26.16
C ASN A 379 -16.42 9.04 25.59
N LEU A 380 -17.73 9.23 25.47
CA LEU A 380 -18.65 8.13 25.22
C LEU A 380 -18.95 7.95 23.74
N TRP A 381 -18.61 8.92 22.89
CA TRP A 381 -19.01 8.90 21.50
C TRP A 381 -17.80 9.03 20.58
N SER A 382 -18.00 8.65 19.32
CA SER A 382 -16.90 8.52 18.38
C SER A 382 -16.41 9.87 17.90
N ALA A 383 -15.09 9.99 17.75
CA ALA A 383 -14.47 11.18 17.15
C ALA A 383 -13.40 10.69 16.18
N TYR A 384 -13.81 10.39 14.96
CA TYR A 384 -12.89 9.92 13.92
C TYR A 384 -12.33 11.11 13.16
N LEU A 385 -11.04 11.06 12.87
CA LEU A 385 -10.36 12.15 12.19
C LEU A 385 -9.70 11.62 10.94
N GLU A 386 -9.59 12.48 9.94
CA GLU A 386 -8.82 12.17 8.76
C GLU A 386 -7.36 12.58 8.97
N LYS A 387 -6.51 12.17 8.05
CA LYS A 387 -5.08 12.45 8.19
C LYS A 387 -4.82 13.93 7.98
N GLY A 388 -4.25 14.58 9.00
CA GLY A 388 -4.00 16.00 8.95
C GLY A 388 -4.90 16.84 9.82
N ASP A 389 -5.93 16.26 10.41
CA ASP A 389 -6.83 17.03 11.26
C ASP A 389 -6.23 17.21 12.64
N ILE A 390 -6.73 18.21 13.35
CA ILE A 390 -6.20 18.58 14.67
C ILE A 390 -7.12 18.00 15.73
N VAL A 391 -6.52 17.47 16.80
CA VAL A 391 -7.29 16.95 17.93
C VAL A 391 -7.94 18.12 18.66
N GLU A 392 -9.26 18.06 18.84
CA GLU A 392 -10.03 19.16 19.39
C GLU A 392 -10.98 18.67 20.48
N LYS A 393 -11.28 19.55 21.43
CA LYS A 393 -12.32 19.29 22.40
C LYS A 393 -13.70 19.59 21.81
N HIS A 394 -14.70 19.56 22.67
CA HIS A 394 -16.07 19.88 22.29
C HIS A 394 -16.70 20.94 23.16
N GLY A 395 -16.38 20.97 24.45
CA GLY A 395 -17.02 21.90 25.35
C GLY A 395 -16.24 23.17 25.60
N LEU A 396 -15.60 23.69 24.56
CA LEU A 396 -14.88 24.94 24.76
C LEU A 396 -15.34 26.00 23.77
N PRO A 397 -15.34 27.27 24.18
CA PRO A 397 -15.57 28.34 23.22
C PRO A 397 -14.36 28.53 22.31
N SER A 398 -14.63 28.74 21.03
CA SER A 398 -13.56 29.00 20.07
C SER A 398 -14.10 29.91 18.99
N ALA A 399 -13.36 30.97 18.68
CA ALA A 399 -13.76 31.91 17.65
C ALA A 399 -13.28 31.41 16.29
N ASP A 400 -14.17 31.41 15.31
CA ASP A 400 -13.83 30.93 13.98
C ASP A 400 -12.96 31.94 13.25
N ALA A 401 -11.83 31.48 12.73
CA ALA A 401 -10.88 32.29 12.01
C ALA A 401 -9.97 31.37 11.20
N PRO A 402 -9.43 31.82 10.06
CA PRO A 402 -8.47 30.99 9.33
C PRO A 402 -7.13 30.94 10.05
N SER A 403 -6.34 29.94 9.70
CA SER A 403 -5.06 29.71 10.34
C SER A 403 -3.98 29.53 9.29
N LEU A 404 -2.79 30.01 9.61
CA LEU A 404 -1.67 29.92 8.67
C LEU A 404 -1.19 28.47 8.56
N LYS A 405 -0.69 28.12 7.37
CA LYS A 405 -0.14 26.79 7.15
C LYS A 405 1.18 26.59 7.89
N GLU A 406 1.89 27.67 8.17
CA GLU A 406 3.20 27.57 8.83
C GLU A 406 3.09 27.33 10.33
N SER A 407 1.89 27.38 10.90
CA SER A 407 1.67 27.10 12.31
C SER A 407 1.07 25.71 12.53
N LEU A 408 0.92 24.94 11.48
CA LEU A 408 0.40 23.58 11.53
C LEU A 408 1.30 22.57 12.26
N PRO A 409 2.64 22.67 12.27
CA PRO A 409 3.40 21.83 13.23
C PRO A 409 3.20 22.17 14.70
N LEU A 410 2.54 23.28 15.03
CA LEU A 410 2.31 23.64 16.42
C LEU A 410 0.99 23.10 16.94
N TYR A 411 0.69 21.83 16.64
CA TYR A 411 -0.58 21.24 17.02
C TYR A 411 -0.40 19.74 17.09
N VAL A 412 -1.31 19.08 17.78
CA VAL A 412 -1.38 17.62 17.76
C VAL A 412 -2.27 17.22 16.59
N VAL A 413 -1.70 16.42 15.70
CA VAL A 413 -2.31 16.09 14.42
C VAL A 413 -2.53 14.58 14.38
N ALA A 414 -3.68 14.16 13.86
CA ALA A 414 -3.96 12.75 13.61
C ALA A 414 -2.96 12.17 12.61
N ASP A 415 -2.29 11.09 13.03
CA ASP A 415 -1.25 10.49 12.19
C ASP A 415 -1.85 9.79 10.97
N ILE A 416 -2.84 8.92 11.18
CA ILE A 416 -3.49 8.20 10.09
C ILE A 416 -4.98 8.45 10.13
N ALA A 417 -5.63 8.18 9.01
CA ALA A 417 -7.09 8.27 8.96
C ALA A 417 -7.70 7.07 9.68
N THR A 418 -8.77 7.32 10.42
CA THR A 418 -9.36 6.30 11.28
C THR A 418 -10.81 6.06 10.89
N SER A 419 -11.26 4.83 11.14
CA SER A 419 -12.66 4.45 11.04
C SER A 419 -12.86 3.23 11.92
N PHE A 420 -14.03 2.60 11.79
CA PHE A 420 -14.29 1.38 12.54
C PHE A 420 -13.47 0.22 12.03
N THR A 421 -13.42 0.06 10.71
CA THR A 421 -12.69 -1.03 10.07
C THR A 421 -11.18 -0.90 10.21
N VAL A 422 -10.68 0.32 10.44
CA VAL A 422 -9.27 0.47 10.75
C VAL A 422 -8.97 -0.01 12.16
N LEU A 423 -9.80 0.35 13.13
CA LEU A 423 -9.55 0.00 14.53
C LEU A 423 -9.77 -1.47 14.83
N VAL A 424 -10.69 -2.15 14.13
CA VAL A 424 -10.87 -3.58 14.32
C VAL A 424 -9.61 -4.35 13.91
N GLY A 425 -9.00 -3.98 12.78
CA GLY A 425 -7.82 -4.68 12.30
C GLY A 425 -6.60 -4.43 13.14
N ILE A 426 -6.54 -3.28 13.83
CA ILE A 426 -5.44 -3.01 14.74
C ILE A 426 -5.68 -3.67 16.10
N PHE A 427 -6.93 -3.77 16.56
CA PHE A 427 -7.19 -4.43 17.83
C PHE A 427 -7.04 -5.94 17.79
N PHE A 428 -7.43 -6.59 16.68
CA PHE A 428 -7.56 -8.04 16.66
C PHE A 428 -6.33 -8.86 17.06
N PRO A 429 -5.07 -8.48 16.80
CA PRO A 429 -3.96 -9.29 17.35
C PRO A 429 -3.72 -9.12 18.85
N SER A 430 -4.61 -8.48 19.60
CA SER A 430 -4.55 -8.52 21.05
C SER A 430 -5.20 -9.77 21.61
N VAL A 431 -5.98 -10.49 20.81
CA VAL A 431 -6.86 -11.52 21.34
C VAL A 431 -6.31 -12.88 20.93
N THR A 432 -5.45 -12.89 19.92
CA THR A 432 -4.89 -14.15 19.41
C THR A 432 -3.89 -14.73 20.41
N GLY A 433 -3.76 -16.05 20.39
CA GLY A 433 -2.93 -16.74 21.35
C GLY A 433 -3.58 -17.96 21.96
N ILE A 434 -4.68 -18.43 21.36
CA ILE A 434 -5.33 -19.66 21.81
C ILE A 434 -4.42 -20.86 21.60
N MET A 435 -3.93 -21.00 20.35
CA MET A 435 -3.27 -22.18 19.84
C MET A 435 -1.96 -22.50 20.55
N ALA A 436 -1.38 -21.53 21.26
CA ALA A 436 -0.17 -21.75 22.03
C ALA A 436 -0.45 -22.17 23.46
N GLY A 437 -1.67 -22.65 23.75
CA GLY A 437 -1.94 -23.36 24.97
C GLY A 437 -2.10 -24.85 24.79
N SER A 438 -1.85 -25.38 23.59
CA SER A 438 -1.84 -26.80 23.35
C SER A 438 -0.45 -27.32 23.01
N ASN A 439 0.58 -26.48 23.17
CA ASN A 439 1.94 -26.90 22.83
C ASN A 439 2.50 -27.90 23.84
N ARG A 440 1.95 -27.90 25.05
CA ARG A 440 2.35 -28.84 26.09
C ARG A 440 1.36 -29.99 26.21
N SER A 441 0.78 -30.43 25.08
CA SER A 441 -0.27 -31.43 25.12
C SER A 441 0.24 -32.84 25.40
N GLY A 442 1.55 -33.05 25.42
CA GLY A 442 2.10 -34.33 25.80
C GLY A 442 2.51 -34.37 27.25
N ASP A 443 2.78 -33.20 27.82
CA ASP A 443 3.25 -33.10 29.19
C ASP A 443 2.12 -33.04 30.21
N LEU A 444 0.87 -32.94 29.77
CA LEU A 444 -0.26 -32.83 30.69
C LEU A 444 -0.60 -34.20 31.27
N ARG A 445 -1.34 -34.18 32.38
CA ARG A 445 -1.89 -35.42 32.91
C ARG A 445 -3.18 -35.80 32.18
N ASP A 446 -4.16 -34.91 32.17
CA ASP A 446 -5.46 -35.15 31.52
C ASP A 446 -5.61 -34.07 30.46
N ALA A 447 -5.12 -34.36 29.25
CA ALA A 447 -5.08 -33.36 28.19
C ALA A 447 -6.47 -33.03 27.65
N GLN A 448 -7.43 -33.93 27.82
CA GLN A 448 -8.78 -33.62 27.36
C GLN A 448 -9.59 -32.89 28.42
N LYS A 449 -9.00 -32.63 29.59
CA LYS A 449 -9.63 -31.80 30.61
C LYS A 449 -8.93 -30.45 30.75
N SER A 450 -7.59 -30.44 30.70
CA SER A 450 -6.84 -29.22 30.99
C SER A 450 -6.92 -28.21 29.85
N ILE A 451 -7.01 -28.68 28.60
CA ILE A 451 -7.05 -27.75 27.47
C ILE A 451 -8.39 -27.03 27.33
N PRO A 452 -9.57 -27.70 27.35
CA PRO A 452 -10.81 -26.93 27.24
C PRO A 452 -11.11 -26.02 28.43
N VAL A 453 -10.72 -26.40 29.63
CA VAL A 453 -10.88 -25.50 30.77
C VAL A 453 -9.90 -24.34 30.70
N GLY A 454 -8.63 -24.63 30.46
CA GLY A 454 -7.58 -23.62 30.45
C GLY A 454 -7.70 -22.55 29.39
N THR A 455 -7.94 -22.95 28.12
CA THR A 455 -8.06 -21.96 27.06
C THR A 455 -9.30 -21.08 27.21
N ILE A 456 -10.42 -21.65 27.64
CA ILE A 456 -11.63 -20.86 27.81
C ILE A 456 -11.53 -19.92 29.01
N LEU A 457 -10.96 -20.37 30.14
CA LEU A 457 -10.75 -19.45 31.25
C LEU A 457 -9.72 -18.37 30.96
N ALA A 458 -8.71 -18.67 30.16
CA ALA A 458 -7.77 -17.62 29.77
C ALA A 458 -8.38 -16.58 28.85
N ILE A 459 -9.20 -17.00 27.88
CA ILE A 459 -9.92 -16.04 27.05
C ILE A 459 -10.90 -15.20 27.86
N ILE A 460 -11.62 -15.80 28.81
CA ILE A 460 -12.51 -15.04 29.69
C ILE A 460 -11.77 -14.01 30.54
N THR A 461 -10.66 -14.39 31.18
CA THR A 461 -9.94 -13.42 32.02
C THR A 461 -9.30 -12.31 31.20
N THR A 462 -8.71 -12.62 30.04
CA THR A 462 -8.13 -11.56 29.23
C THR A 462 -9.19 -10.64 28.64
N SER A 463 -10.37 -11.18 28.29
CA SER A 463 -11.42 -10.31 27.78
C SER A 463 -12.03 -9.44 28.87
N LEU A 464 -12.11 -9.95 30.10
CA LEU A 464 -12.54 -9.10 31.22
C LEU A 464 -11.55 -7.97 31.50
N VAL A 465 -10.25 -8.27 31.40
CA VAL A 465 -9.23 -7.22 31.51
C VAL A 465 -9.39 -6.17 30.41
N TYR A 466 -9.69 -6.57 29.17
CA TYR A 466 -9.89 -5.57 28.13
C TYR A 466 -11.15 -4.74 28.31
N PHE A 467 -12.28 -5.33 28.74
CA PHE A 467 -13.49 -4.54 28.99
C PHE A 467 -13.29 -3.54 30.13
N SER A 468 -12.73 -4.02 31.25
CA SER A 468 -12.48 -3.14 32.38
C SER A 468 -11.46 -2.06 32.08
N SER A 469 -10.45 -2.34 31.27
CA SER A 469 -9.50 -1.31 30.88
C SER A 469 -10.08 -0.29 29.92
N VAL A 470 -10.97 -0.70 29.00
CA VAL A 470 -11.68 0.27 28.16
C VAL A 470 -12.52 1.22 29.00
N VAL A 471 -13.29 0.68 29.95
CA VAL A 471 -14.09 1.55 30.83
C VAL A 471 -13.20 2.42 31.72
N LEU A 472 -12.05 1.89 32.18
CA LEU A 472 -11.15 2.65 33.04
C LEU A 472 -10.51 3.82 32.30
N PHE A 473 -9.99 3.57 31.10
CA PHE A 473 -9.35 4.66 30.35
C PHE A 473 -10.39 5.65 29.84
N GLY A 474 -11.61 5.20 29.56
CA GLY A 474 -12.64 6.14 29.19
C GLY A 474 -13.12 7.00 30.33
N ALA A 475 -13.07 6.50 31.56
CA ALA A 475 -13.53 7.28 32.70
C ALA A 475 -12.45 8.08 33.40
N CYS A 476 -11.18 7.75 33.24
CA CYS A 476 -10.12 8.47 33.94
C CYS A 476 -9.42 9.52 33.08
N ILE A 477 -8.92 9.14 31.92
CA ILE A 477 -8.11 10.01 31.07
C ILE A 477 -9.04 10.76 30.12
N GLU A 478 -8.71 12.03 29.87
CA GLU A 478 -9.52 12.88 28.99
C GLU A 478 -9.23 12.54 27.54
N GLY A 479 -10.25 12.70 26.68
CA GLY A 479 -10.20 12.16 25.34
C GLY A 479 -9.22 12.86 24.42
N VAL A 480 -8.82 14.07 24.75
CA VAL A 480 -7.79 14.76 23.98
C VAL A 480 -6.43 14.11 24.21
N VAL A 481 -6.15 13.73 25.45
CA VAL A 481 -4.93 12.99 25.75
C VAL A 481 -5.01 11.58 25.17
N LEU A 482 -6.21 11.00 25.14
CA LEU A 482 -6.40 9.66 24.60
C LEU A 482 -6.16 9.64 23.09
N ARG A 483 -6.64 10.66 22.38
CA ARG A 483 -6.42 10.74 20.94
C ARG A 483 -5.01 11.16 20.56
N ASP A 484 -4.12 11.41 21.53
CA ASP A 484 -2.72 11.65 21.23
C ASP A 484 -2.04 10.30 21.11
N LYS A 485 -1.97 9.80 19.88
CA LYS A 485 -0.97 8.78 19.60
C LYS A 485 0.39 9.44 19.69
N TYR A 486 1.33 8.75 20.34
CA TYR A 486 2.70 9.13 20.71
C TYR A 486 2.74 10.18 21.82
N GLY A 487 1.60 10.61 22.36
CA GLY A 487 1.54 11.48 23.52
C GLY A 487 2.14 12.86 23.36
N ASP A 488 1.84 13.53 22.25
CA ASP A 488 2.39 14.86 21.99
C ASP A 488 1.80 15.94 22.88
N GLY A 489 0.56 15.75 23.35
CA GLY A 489 -0.06 16.75 24.19
C GLY A 489 0.52 16.81 25.58
N VAL A 490 1.06 15.71 26.08
CA VAL A 490 1.67 15.65 27.41
C VAL A 490 3.12 15.18 27.26
N SER A 491 4.01 16.13 26.93
CA SER A 491 5.48 16.08 27.13
C SER A 491 6.15 14.78 26.67
N ARG A 492 5.60 14.14 25.62
CA ARG A 492 6.06 12.84 25.09
C ARG A 492 6.08 11.75 26.16
N ASN A 493 4.92 11.50 26.76
CA ASN A 493 4.74 10.43 27.73
C ASN A 493 3.75 9.42 27.18
N LEU A 494 3.79 8.19 27.72
CA LEU A 494 2.73 7.24 27.43
C LEU A 494 1.43 7.71 28.05
N VAL A 495 0.34 7.66 27.28
CA VAL A 495 -0.98 7.93 27.82
C VAL A 495 -1.37 6.85 28.82
N VAL A 496 -0.92 5.62 28.58
CA VAL A 496 -1.08 4.56 29.56
C VAL A 496 -0.24 4.84 30.81
N GLY A 497 0.97 5.36 30.60
CA GLY A 497 1.92 5.56 31.68
C GLY A 497 1.58 6.69 32.62
N THR A 498 0.85 7.71 32.14
CA THR A 498 0.46 8.82 33.01
C THR A 498 -0.53 8.41 34.08
N LEU A 499 -1.24 7.30 33.90
CA LEU A 499 -2.22 6.83 34.86
C LEU A 499 -1.64 5.86 35.88
N ALA A 500 -0.40 5.41 35.71
CA ALA A 500 0.21 4.42 36.60
C ALA A 500 0.44 4.98 38.00
N TRP A 501 0.48 4.08 38.99
CA TRP A 501 0.60 4.59 40.35
C TRP A 501 2.02 4.99 40.77
N PRO A 502 3.06 4.14 40.73
CA PRO A 502 4.34 4.60 41.30
C PRO A 502 5.03 5.64 40.43
N SER A 503 5.08 5.39 39.14
CA SER A 503 5.79 6.23 38.17
C SER A 503 5.35 5.79 36.78
N PRO A 504 5.46 6.67 35.78
CA PRO A 504 5.21 6.23 34.40
C PRO A 504 6.29 5.33 33.83
N TRP A 505 7.46 5.22 34.47
CA TRP A 505 8.54 4.38 33.94
C TRP A 505 8.27 2.90 34.12
N VAL A 506 7.36 2.52 35.02
CA VAL A 506 7.02 1.11 35.23
C VAL A 506 6.40 0.50 33.99
N ILE A 507 5.44 1.18 33.38
CA ILE A 507 4.76 0.68 32.20
C ILE A 507 5.70 0.71 31.00
N VAL A 508 6.55 1.73 30.92
CA VAL A 508 7.50 1.86 29.82
C VAL A 508 8.48 0.69 29.81
N ILE A 509 9.14 0.44 30.96
CA ILE A 509 10.10 -0.64 31.07
C ILE A 509 9.42 -2.01 30.95
N GLY A 510 8.23 -2.16 31.56
CA GLY A 510 7.55 -3.44 31.53
C GLY A 510 7.02 -3.81 30.16
N SER A 511 6.47 -2.83 29.44
CA SER A 511 6.04 -3.04 28.06
C SER A 511 7.21 -3.29 27.12
N PHE A 512 8.35 -2.61 27.32
CA PHE A 512 9.51 -2.87 26.48
C PHE A 512 10.04 -4.29 26.67
N PHE A 513 10.19 -4.73 27.92
CA PHE A 513 10.66 -6.09 28.14
C PHE A 513 9.61 -7.15 27.77
N SER A 514 8.33 -6.83 27.87
CA SER A 514 7.32 -7.80 27.45
C SER A 514 7.27 -7.96 25.94
N THR A 515 7.42 -6.87 25.18
CA THR A 515 7.50 -7.02 23.72
C THR A 515 8.78 -7.70 23.27
N CYS A 516 9.91 -7.42 23.94
CA CYS A 516 11.15 -8.12 23.60
C CYS A 516 11.09 -9.60 23.96
N GLY A 517 10.31 -9.97 24.99
CA GLY A 517 10.15 -11.38 25.28
C GLY A 517 9.16 -12.08 24.38
N ALA A 518 8.08 -11.40 23.99
CA ALA A 518 7.10 -11.99 23.10
C ALA A 518 7.60 -12.11 21.68
N GLY A 519 8.59 -11.29 21.27
CA GLY A 519 9.25 -11.54 20.01
C GLY A 519 10.15 -12.78 20.02
N LEU A 520 10.89 -12.98 21.11
CA LEU A 520 11.72 -14.17 21.26
C LEU A 520 10.89 -15.44 21.30
N GLN A 521 9.75 -15.41 21.99
CA GLN A 521 8.94 -16.62 22.04
C GLN A 521 8.27 -16.95 20.72
N SER A 522 7.93 -15.96 19.90
CA SER A 522 7.49 -16.23 18.54
C SER A 522 8.61 -16.76 17.65
N LEU A 523 9.82 -16.22 17.78
CA LEU A 523 10.96 -16.73 17.03
C LEU A 523 11.45 -18.09 17.53
N THR A 524 10.99 -18.56 18.69
CA THR A 524 11.20 -19.95 19.07
C THR A 524 10.02 -20.85 18.74
N GLY A 525 8.82 -20.30 18.60
CA GLY A 525 7.66 -21.12 18.33
C GLY A 525 7.40 -21.41 16.87
N ALA A 526 7.68 -20.46 15.99
CA ALA A 526 7.45 -20.70 14.57
C ALA A 526 8.45 -21.62 13.85
N PRO A 527 9.77 -21.59 14.14
CA PRO A 527 10.64 -22.62 13.54
C PRO A 527 10.33 -24.04 13.97
N ARG A 528 9.87 -24.26 15.20
CA ARG A 528 9.46 -25.60 15.61
C ARG A 528 8.25 -26.07 14.82
N LEU A 529 7.34 -25.15 14.48
CA LEU A 529 6.16 -25.54 13.72
C LEU A 529 6.52 -25.86 12.28
N LEU A 530 7.42 -25.08 11.68
CA LEU A 530 7.86 -25.40 10.32
C LEU A 530 8.69 -26.69 10.29
N GLN A 531 9.50 -26.93 11.33
CA GLN A 531 10.17 -28.21 11.55
C GLN A 531 9.20 -29.37 11.56
N ALA A 532 8.13 -29.26 12.35
CA ALA A 532 7.15 -30.33 12.47
C ALA A 532 6.35 -30.55 11.19
N ILE A 533 6.03 -29.48 10.45
CA ILE A 533 5.32 -29.65 9.19
C ILE A 533 6.25 -30.27 8.14
N ALA A 534 7.53 -29.92 8.14
CA ALA A 534 8.45 -30.46 7.15
C ALA A 534 8.79 -31.92 7.42
N LYS A 535 8.95 -32.30 8.69
CA LYS A 535 9.24 -33.69 9.03
C LYS A 535 8.04 -34.61 8.84
N ASP A 536 6.85 -34.04 8.67
CA ASP A 536 5.64 -34.83 8.50
C ASP A 536 5.50 -35.41 7.09
N ASN A 537 6.33 -34.94 6.15
CA ASN A 537 6.26 -35.26 4.72
C ASN A 537 4.90 -34.95 4.11
N ILE A 538 4.20 -33.96 4.66
CA ILE A 538 2.87 -33.62 4.18
C ILE A 538 2.97 -32.77 2.91
N ILE A 539 4.01 -31.96 2.81
CA ILE A 539 4.36 -31.20 1.61
C ILE A 539 5.85 -31.38 1.40
N PRO A 540 6.30 -32.18 0.44
CA PRO A 540 7.74 -32.42 0.26
C PRO A 540 8.49 -31.21 -0.28
N PHE A 541 7.75 -30.22 -0.80
CA PHE A 541 8.31 -28.93 -1.22
C PHE A 541 9.09 -28.23 -0.10
N LEU A 542 8.75 -28.52 1.16
CA LEU A 542 9.44 -27.94 2.31
C LEU A 542 10.42 -28.90 2.95
N ARG A 543 10.86 -29.95 2.22
CA ARG A 543 11.59 -31.08 2.82
C ARG A 543 12.91 -30.65 3.45
N VAL A 544 13.57 -29.63 2.88
CA VAL A 544 14.85 -29.20 3.40
C VAL A 544 14.73 -28.43 4.71
N PHE A 545 13.53 -28.05 5.11
CA PHE A 545 13.34 -27.33 6.37
C PHE A 545 13.04 -28.27 7.53
N GLY A 546 13.12 -29.59 7.30
CA GLY A 546 13.10 -30.54 8.39
C GLY A 546 14.48 -30.93 8.87
N HIS A 547 15.52 -30.35 8.29
CA HIS A 547 16.86 -30.57 8.78
C HIS A 547 17.08 -29.77 10.06
N GLY A 548 17.75 -30.37 11.02
CA GLY A 548 17.98 -29.69 12.28
C GLY A 548 19.34 -29.95 12.88
N LYS A 549 19.55 -29.51 14.11
CA LYS A 549 20.77 -29.83 14.83
C LYS A 549 20.73 -31.25 15.37
N VAL A 550 21.77 -31.63 16.11
CA VAL A 550 21.76 -32.91 16.79
C VAL A 550 20.85 -32.87 18.01
N ASN A 551 20.57 -31.67 18.53
CA ASN A 551 19.60 -31.54 19.60
C ASN A 551 18.18 -31.76 19.09
N GLY A 552 17.93 -31.44 17.83
CA GLY A 552 16.59 -31.36 17.28
C GLY A 552 16.15 -29.95 17.00
N GLU A 553 16.95 -28.97 17.37
CA GLU A 553 16.64 -27.58 17.09
C GLU A 553 16.81 -27.30 15.60
N PRO A 554 15.94 -26.49 15.01
CA PRO A 554 16.02 -26.28 13.56
C PRO A 554 17.12 -25.31 13.19
N THR A 555 17.58 -25.44 11.95
CA THR A 555 18.61 -24.58 11.38
C THR A 555 18.10 -23.80 10.18
N TRP A 556 17.46 -24.47 9.22
CA TRP A 556 16.98 -23.79 8.03
C TRP A 556 15.59 -23.20 8.20
N ALA A 557 14.81 -23.66 9.18
CA ALA A 557 13.53 -23.04 9.48
C ALA A 557 13.70 -21.72 10.21
N LEU A 558 14.70 -21.60 11.08
CA LEU A 558 15.01 -20.34 11.75
C LEU A 558 15.44 -19.25 10.79
N LEU A 559 16.17 -19.61 9.73
CA LEU A 559 16.52 -18.65 8.69
C LEU A 559 15.32 -18.19 7.88
N LEU A 560 14.40 -19.10 7.58
CA LEU A 560 13.21 -18.71 6.83
C LEU A 560 12.27 -17.85 7.67
N THR A 561 12.20 -18.10 8.98
CA THR A 561 11.44 -17.21 9.85
C THR A 561 12.09 -15.83 9.95
N ALA A 562 13.42 -15.78 9.91
CA ALA A 562 14.10 -14.48 9.94
C ALA A 562 13.94 -13.74 8.64
N LEU A 563 13.79 -14.46 7.52
CA LEU A 563 13.58 -13.78 6.25
C LEU A 563 12.13 -13.33 6.06
N ILE A 564 11.17 -14.10 6.54
CA ILE A 564 9.77 -13.69 6.41
C ILE A 564 9.43 -12.58 7.41
N ALA A 565 9.97 -12.63 8.63
CA ALA A 565 9.77 -11.53 9.57
C ALA A 565 10.53 -10.27 9.19
N GLU A 566 11.54 -10.37 8.34
CA GLU A 566 12.19 -9.19 7.79
C GLU A 566 11.29 -8.45 6.80
N LEU A 567 10.48 -9.17 6.03
CA LEU A 567 9.54 -8.53 5.12
C LEU A 567 8.40 -7.82 5.83
N GLY A 568 8.19 -8.10 7.11
CA GLY A 568 7.21 -7.36 7.89
C GLY A 568 7.83 -6.19 8.61
N ILE A 569 9.12 -6.31 8.95
CA ILE A 569 9.84 -5.19 9.55
C ILE A 569 10.04 -4.07 8.54
N LEU A 570 10.25 -4.41 7.26
CA LEU A 570 10.47 -3.39 6.25
C LEU A 570 9.20 -2.64 5.86
N ILE A 571 8.05 -3.01 6.42
CA ILE A 571 6.85 -2.17 6.30
C ILE A 571 6.93 -1.02 7.28
N ALA A 572 7.56 -1.24 8.44
CA ALA A 572 8.00 -0.27 9.45
C ALA A 572 6.88 0.50 10.14
N SER A 573 5.68 -0.07 10.24
CA SER A 573 4.61 0.57 11.01
C SER A 573 3.86 -0.50 11.78
N LEU A 574 3.47 -0.16 13.00
CA LEU A 574 2.65 -1.03 13.80
C LEU A 574 1.24 -1.17 13.21
N ASP A 575 0.72 -0.07 12.64
CA ASP A 575 -0.66 -0.03 12.16
C ASP A 575 -0.78 -0.60 10.76
N MET A 576 0.37 -0.79 10.10
CA MET A 576 0.39 -1.38 8.77
C MET A 576 0.63 -2.89 8.80
N VAL A 577 1.34 -3.36 9.83
CA VAL A 577 1.63 -4.79 9.98
C VAL A 577 0.45 -5.50 10.65
N ALA A 578 -0.22 -4.82 11.59
CA ALA A 578 -1.29 -5.47 12.36
C ALA A 578 -2.49 -6.01 11.56
N PRO A 579 -3.00 -5.37 10.48
CA PRO A 579 -4.05 -6.04 9.68
C PRO A 579 -3.58 -7.27 8.93
N ILE A 580 -2.29 -7.40 8.63
CA ILE A 580 -1.78 -8.61 8.01
C ILE A 580 -1.81 -9.76 9.00
N LEU A 581 -1.47 -9.49 10.25
CA LEU A 581 -1.62 -10.48 11.32
C LEU A 581 -3.06 -10.89 11.52
N SER A 582 -3.97 -9.90 11.50
CA SER A 582 -5.40 -10.22 11.58
C SER A 582 -5.83 -11.10 10.42
N MET A 583 -5.35 -10.82 9.21
CA MET A 583 -5.66 -11.59 8.02
C MET A 583 -5.16 -13.03 8.10
N PHE A 584 -4.01 -13.28 8.72
CA PHE A 584 -3.56 -14.66 8.83
C PHE A 584 -4.22 -15.42 9.99
N PHE A 585 -4.38 -14.79 11.15
CA PHE A 585 -5.01 -15.51 12.27
C PHE A 585 -6.49 -15.74 12.04
N LEU A 586 -7.18 -14.85 11.32
CA LEU A 586 -8.58 -15.11 10.97
C LEU A 586 -8.72 -16.23 9.95
N MET A 587 -7.76 -16.39 9.04
CA MET A 587 -7.80 -17.55 8.16
C MET A 587 -7.57 -18.84 8.93
N CYS A 588 -6.62 -18.85 9.87
CA CYS A 588 -6.38 -20.04 10.69
C CYS A 588 -7.60 -20.41 11.52
N TYR A 589 -8.23 -19.41 12.15
CA TYR A 589 -9.40 -19.67 12.97
C TYR A 589 -10.62 -19.99 12.12
N LEU A 590 -10.64 -19.58 10.85
CA LEU A 590 -11.72 -20.00 9.95
C LEU A 590 -11.54 -21.45 9.53
N PHE A 591 -10.29 -21.88 9.28
CA PHE A 591 -10.08 -23.27 8.89
C PHE A 591 -10.35 -24.23 10.05
N VAL A 592 -10.09 -23.82 11.28
CA VAL A 592 -10.43 -24.66 12.43
C VAL A 592 -11.95 -24.87 12.54
N ASN A 593 -12.74 -23.82 12.34
CA ASN A 593 -14.19 -23.94 12.40
C ASN A 593 -14.79 -24.66 11.19
N LEU A 594 -14.22 -24.45 9.99
CA LEU A 594 -14.57 -25.29 8.84
C LEU A 594 -14.33 -26.76 9.12
N ALA A 595 -13.16 -27.09 9.65
CA ALA A 595 -12.83 -28.48 9.87
C ALA A 595 -13.59 -29.09 11.04
N CYS A 596 -14.15 -28.29 11.94
CA CYS A 596 -15.02 -28.83 12.97
C CYS A 596 -16.49 -28.91 12.56
N ALA A 597 -16.92 -28.17 11.55
CA ALA A 597 -18.29 -28.32 11.05
C ALA A 597 -18.43 -29.36 9.94
N VAL A 598 -17.43 -29.49 9.06
CA VAL A 598 -17.50 -30.44 7.96
C VAL A 598 -17.48 -31.88 8.47
N GLN A 599 -16.66 -32.19 9.48
CA GLN A 599 -16.57 -33.56 9.97
C GLN A 599 -17.87 -33.99 10.67
N THR A 600 -18.61 -33.05 11.24
CA THR A 600 -19.93 -33.38 11.76
C THR A 600 -20.94 -33.54 10.64
N LEU A 601 -20.94 -32.62 9.69
CA LEU A 601 -21.98 -32.64 8.66
C LEU A 601 -21.73 -33.72 7.60
N LEU A 602 -20.49 -34.17 7.45
CA LEU A 602 -20.22 -35.30 6.56
C LEU A 602 -20.35 -36.65 7.26
N ARG A 603 -20.56 -36.65 8.58
CA ARG A 603 -20.74 -37.86 9.40
C ARG A 603 -19.56 -38.82 9.28
N THR A 604 -18.34 -38.26 9.34
CA THR A 604 -17.14 -39.07 9.17
C THR A 604 -16.92 -39.96 10.39
N PRO A 605 -16.29 -41.11 10.21
CA PRO A 605 -15.86 -41.91 11.36
C PRO A 605 -14.67 -41.26 12.05
N ASN A 606 -14.42 -41.75 13.28
CA ASN A 606 -13.35 -41.26 14.18
C ASN A 606 -13.48 -39.76 14.47
N TRP A 607 -14.71 -39.24 14.51
CA TRP A 607 -14.98 -37.87 14.93
C TRP A 607 -16.20 -37.89 15.86
N ARG A 608 -15.94 -38.07 17.15
CA ARG A 608 -16.96 -38.13 18.20
C ARG A 608 -16.46 -37.30 19.38
N PRO A 609 -16.68 -35.98 19.37
CA PRO A 609 -16.16 -35.13 20.45
C PRO A 609 -16.98 -35.26 21.73
N ARG A 610 -16.29 -35.52 22.83
CA ARG A 610 -16.92 -35.70 24.14
C ARG A 610 -16.85 -34.40 24.96
N PHE A 611 -17.37 -33.33 24.37
CA PHE A 611 -17.39 -32.03 25.03
C PHE A 611 -18.84 -31.62 25.17
N LYS A 612 -19.21 -31.15 26.37
CA LYS A 612 -20.62 -30.90 26.67
C LYS A 612 -21.16 -29.72 25.88
N TYR A 613 -20.38 -28.65 25.77
CA TYR A 613 -20.86 -27.40 25.20
C TYR A 613 -20.54 -27.25 23.72
N TYR A 614 -20.37 -28.35 23.00
CA TYR A 614 -20.09 -28.28 21.57
C TYR A 614 -21.34 -28.60 20.76
N HIS A 615 -21.53 -27.85 19.68
CA HIS A 615 -22.61 -28.08 18.73
C HIS A 615 -22.12 -27.56 17.38
N TRP A 616 -22.64 -28.12 16.30
CA TRP A 616 -22.18 -27.74 14.97
C TRP A 616 -22.58 -26.31 14.60
N ALA A 617 -23.68 -25.80 15.15
CA ALA A 617 -24.09 -24.43 14.87
C ALA A 617 -23.15 -23.41 15.48
N LEU A 618 -22.49 -23.73 16.59
CA LEU A 618 -21.51 -22.81 17.15
C LEU A 618 -20.27 -22.72 16.27
N SER A 619 -19.89 -23.83 15.63
CA SER A 619 -18.76 -23.79 14.72
C SER A 619 -19.11 -23.07 13.43
N PHE A 620 -20.36 -23.22 12.95
CA PHE A 620 -20.81 -22.42 11.81
C PHE A 620 -20.86 -20.93 12.14
N LEU A 621 -21.31 -20.58 13.34
CA LEU A 621 -21.36 -19.18 13.74
C LEU A 621 -19.97 -18.59 13.88
N GLY A 622 -19.03 -19.37 14.42
CA GLY A 622 -17.66 -18.91 14.51
C GLY A 622 -17.00 -18.77 13.15
N MET A 623 -17.31 -19.69 12.23
CA MET A 623 -16.80 -19.59 10.87
C MET A 623 -17.30 -18.33 10.16
N SER A 624 -18.60 -18.05 10.28
CA SER A 624 -19.15 -16.85 9.67
C SER A 624 -18.64 -15.57 10.32
N LEU A 625 -18.41 -15.58 11.63
CA LEU A 625 -17.94 -14.38 12.31
C LEU A 625 -16.48 -14.11 11.98
N CYS A 626 -15.65 -15.15 11.95
CA CYS A 626 -14.25 -14.96 11.58
C CYS A 626 -14.06 -14.78 10.08
N LEU A 627 -15.11 -15.04 9.27
CA LEU A 627 -15.12 -14.60 7.88
C LEU A 627 -15.54 -13.15 7.71
N ALA A 628 -16.50 -12.68 8.52
CA ALA A 628 -16.90 -11.28 8.45
C ALA A 628 -15.81 -10.34 8.95
N LEU A 629 -15.08 -10.74 9.99
CA LEU A 629 -13.93 -9.95 10.45
C LEU A 629 -12.81 -9.90 9.42
N MET A 630 -12.72 -10.90 8.56
CA MET A 630 -11.73 -10.90 7.48
C MET A 630 -12.01 -9.81 6.46
N PHE A 631 -13.29 -9.60 6.13
CA PHE A 631 -13.72 -8.50 5.27
C PHE A 631 -13.68 -7.15 5.97
N VAL A 632 -13.88 -7.11 7.29
CA VAL A 632 -13.79 -5.87 8.03
C VAL A 632 -12.36 -5.36 8.14
N SER A 633 -11.39 -6.24 8.42
CA SER A 633 -10.02 -5.79 8.69
C SER A 633 -9.34 -5.22 7.45
N SER A 634 -9.41 -5.93 6.33
CA SER A 634 -8.99 -5.37 5.04
C SER A 634 -9.71 -6.15 3.96
N TRP A 635 -10.61 -5.48 3.25
CA TRP A 635 -11.48 -6.16 2.28
C TRP A 635 -10.72 -6.61 1.03
N TYR A 636 -9.66 -5.91 0.64
CA TYR A 636 -8.95 -6.20 -0.60
C TYR A 636 -8.19 -7.53 -0.51
N TYR A 637 -7.37 -7.69 0.52
CA TYR A 637 -6.58 -8.92 0.62
C TYR A 637 -7.43 -10.11 1.02
N ALA A 638 -8.55 -9.87 1.70
CA ALA A 638 -9.54 -10.90 1.90
C ALA A 638 -10.17 -11.34 0.59
N LEU A 639 -10.44 -10.39 -0.31
CA LEU A 639 -10.97 -10.69 -1.63
C LEU A 639 -9.95 -11.39 -2.53
N VAL A 640 -8.66 -11.19 -2.26
CA VAL A 640 -7.62 -11.94 -2.97
C VAL A 640 -7.52 -13.37 -2.45
N ALA A 641 -7.50 -13.51 -1.12
CA ALA A 641 -7.43 -14.83 -0.49
C ALA A 641 -8.64 -15.68 -0.79
N MET A 642 -9.82 -15.07 -0.94
CA MET A 642 -11.00 -15.79 -1.39
C MET A 642 -10.85 -16.35 -2.79
N LEU A 643 -10.19 -15.61 -3.69
CA LEU A 643 -9.92 -16.11 -5.04
C LEU A 643 -8.94 -17.27 -5.02
N ILE A 644 -7.88 -17.17 -4.21
CA ILE A 644 -6.91 -18.25 -4.09
C ILE A 644 -7.56 -19.51 -3.52
N ALA A 645 -8.40 -19.35 -2.50
CA ALA A 645 -9.07 -20.50 -1.89
C ALA A 645 -10.11 -21.11 -2.83
N GLY A 646 -10.83 -20.27 -3.58
CA GLY A 646 -11.77 -20.80 -4.56
C GLY A 646 -11.12 -21.42 -5.78
N MET A 647 -9.84 -21.13 -6.02
CA MET A 647 -9.08 -21.77 -7.07
C MET A 647 -8.48 -23.11 -6.65
N ILE A 648 -7.99 -23.20 -5.41
CA ILE A 648 -7.48 -24.48 -4.89
C ILE A 648 -8.62 -25.50 -4.74
N TYR A 649 -9.84 -25.02 -4.49
CA TYR A 649 -11.00 -25.92 -4.48
C TYR A 649 -11.34 -26.42 -5.88
N LYS A 650 -11.17 -25.57 -6.89
CA LYS A 650 -11.43 -26.01 -8.26
C LYS A 650 -10.34 -26.96 -8.77
N TYR A 651 -9.17 -26.94 -8.13
CA TYR A 651 -8.18 -27.98 -8.41
C TYR A 651 -8.62 -29.35 -7.91
N ILE A 652 -8.79 -29.49 -6.59
CA ILE A 652 -9.20 -30.77 -6.00
C ILE A 652 -10.71 -30.90 -6.08
N PRO B 116 0.90 -20.36 -46.08
CA PRO B 116 1.17 -19.19 -45.24
C PRO B 116 1.78 -18.02 -46.01
N SER B 117 1.17 -16.84 -45.89
CA SER B 117 1.63 -15.65 -46.60
C SER B 117 1.35 -14.43 -45.72
N MET B 118 2.34 -14.06 -44.92
CA MET B 118 2.31 -12.81 -44.16
C MET B 118 3.71 -12.20 -44.22
N GLY B 119 3.79 -10.94 -44.61
CA GLY B 119 5.06 -10.27 -44.71
C GLY B 119 5.61 -9.85 -43.37
N THR B 120 6.78 -9.22 -43.42
CA THR B 120 7.36 -8.62 -42.22
C THR B 120 6.52 -7.45 -41.73
N LEU B 121 5.91 -6.71 -42.65
CA LEU B 121 5.19 -5.48 -42.30
C LEU B 121 3.89 -5.79 -41.57
N MET B 122 2.97 -6.49 -42.24
CA MET B 122 1.68 -6.77 -41.63
C MET B 122 1.69 -7.97 -40.71
N GLY B 123 2.81 -8.66 -40.57
CA GLY B 123 2.85 -9.85 -39.74
C GLY B 123 3.55 -9.68 -38.41
N VAL B 124 4.63 -8.90 -38.39
CA VAL B 124 5.42 -8.75 -37.17
C VAL B 124 5.45 -7.28 -36.76
N TYR B 125 5.69 -6.39 -37.72
CA TYR B 125 5.98 -4.99 -37.41
C TYR B 125 4.75 -4.25 -36.94
N LEU B 126 3.65 -4.35 -37.67
CA LEU B 126 2.43 -3.64 -37.28
C LEU B 126 1.79 -4.13 -35.98
N PRO B 127 1.73 -5.44 -35.64
CA PRO B 127 1.23 -5.77 -34.28
C PRO B 127 2.14 -5.31 -33.15
N CYS B 128 3.46 -5.37 -33.33
CA CYS B 128 4.37 -4.79 -32.33
C CYS B 128 4.14 -3.30 -32.16
N LEU B 129 4.01 -2.57 -33.27
CA LEU B 129 3.84 -1.13 -33.18
C LEU B 129 2.46 -0.75 -32.68
N GLN B 130 1.46 -1.62 -32.85
CA GLN B 130 0.16 -1.42 -32.24
C GLN B 130 0.15 -1.73 -30.76
N ASN B 131 0.97 -2.68 -30.30
CA ASN B 131 1.00 -3.06 -28.91
C ASN B 131 1.97 -2.25 -28.06
N ILE B 132 2.94 -1.57 -28.65
CA ILE B 132 3.86 -0.78 -27.84
C ILE B 132 3.27 0.59 -27.52
N PHE B 133 2.69 1.28 -28.49
CA PHE B 133 2.04 2.56 -28.21
C PHE B 133 0.77 2.34 -27.40
N GLY B 134 0.47 3.31 -26.53
CA GLY B 134 -0.64 3.12 -25.62
C GLY B 134 -1.07 4.33 -24.80
N VAL B 135 -1.29 4.10 -23.51
CA VAL B 135 -2.00 5.07 -22.69
C VAL B 135 -1.05 6.13 -22.14
N ILE B 136 0.20 5.76 -21.87
CA ILE B 136 1.09 6.62 -21.09
C ILE B 136 1.72 7.70 -21.97
N LEU B 137 1.75 7.49 -23.29
CA LEU B 137 2.22 8.55 -24.19
C LEU B 137 1.29 9.75 -24.20
N PHE B 138 0.01 9.55 -23.91
CA PHE B 138 -0.94 10.64 -23.96
C PHE B 138 -1.38 11.15 -22.60
N LEU B 139 -1.02 10.46 -21.52
CA LEU B 139 -1.45 10.89 -20.19
C LEU B 139 -0.32 11.21 -19.23
N ARG B 140 0.79 10.49 -19.29
CA ARG B 140 1.83 10.62 -18.27
C ARG B 140 3.20 10.95 -18.82
N LEU B 141 3.32 11.35 -20.09
CA LEU B 141 4.64 11.65 -20.62
C LEU B 141 5.02 13.11 -20.46
N THR B 142 4.06 14.02 -20.66
CA THR B 142 4.31 15.43 -20.39
C THR B 142 4.54 15.68 -18.91
N TRP B 143 3.80 14.98 -18.05
CA TRP B 143 4.02 15.08 -16.61
C TRP B 143 5.40 14.58 -16.22
N MET B 144 5.86 13.51 -16.89
CA MET B 144 7.17 12.96 -16.63
C MET B 144 8.28 13.90 -17.08
N VAL B 145 8.12 14.53 -18.24
CA VAL B 145 9.08 15.54 -18.69
C VAL B 145 9.12 16.71 -17.74
N GLY B 146 7.96 17.24 -17.34
CA GLY B 146 7.93 18.39 -16.45
C GLY B 146 8.46 18.09 -15.05
N THR B 147 8.25 16.88 -14.57
CA THR B 147 8.76 16.50 -13.25
C THR B 147 10.25 16.20 -13.27
N ALA B 148 10.75 15.46 -14.27
CA ALA B 148 12.12 15.00 -14.24
C ALA B 148 13.10 15.89 -14.99
N GLY B 149 12.63 16.83 -15.80
CA GLY B 149 13.52 17.53 -16.71
C GLY B 149 13.77 16.71 -17.96
N VAL B 150 14.21 17.42 -19.01
CA VAL B 150 14.47 16.79 -20.29
C VAL B 150 15.61 15.78 -20.20
N LEU B 151 16.66 16.08 -19.44
CA LEU B 151 17.82 15.21 -19.35
C LEU B 151 17.50 13.90 -18.63
N GLN B 152 16.87 13.97 -17.47
CA GLN B 152 16.48 12.73 -16.79
C GLN B 152 15.33 12.00 -17.47
N ALA B 153 14.47 12.71 -18.22
CA ALA B 153 13.46 12.01 -19.00
C ALA B 153 14.07 11.23 -20.15
N LEU B 154 15.07 11.81 -20.83
CA LEU B 154 15.81 11.06 -21.85
C LEU B 154 16.58 9.90 -21.24
N LEU B 155 17.07 10.05 -20.01
CA LEU B 155 17.71 8.95 -19.32
C LEU B 155 16.73 7.81 -19.01
N ILE B 156 15.51 8.14 -18.58
CA ILE B 156 14.49 7.12 -18.33
C ILE B 156 14.12 6.40 -19.61
N VAL B 157 13.94 7.14 -20.72
CA VAL B 157 13.59 6.52 -21.99
C VAL B 157 14.73 5.65 -22.51
N LEU B 158 15.98 6.08 -22.30
CA LEU B 158 17.13 5.29 -22.76
C LEU B 158 17.31 4.02 -21.95
N ILE B 159 17.11 4.08 -20.63
CA ILE B 159 17.28 2.89 -19.79
C ILE B 159 16.13 1.90 -20.03
N CYS B 160 14.91 2.40 -20.19
CA CYS B 160 13.78 1.50 -20.38
C CYS B 160 13.73 0.88 -21.77
N CYS B 161 14.42 1.47 -22.75
CA CYS B 161 14.48 0.92 -24.10
C CYS B 161 15.75 0.12 -24.36
N CYS B 162 16.50 -0.22 -23.33
CA CYS B 162 17.61 -1.16 -23.45
C CYS B 162 17.32 -2.51 -22.83
N CYS B 163 16.36 -2.58 -21.90
CA CYS B 163 15.83 -3.89 -21.50
C CYS B 163 15.12 -4.57 -22.64
N THR B 164 14.25 -3.85 -23.36
CA THR B 164 13.49 -4.41 -24.46
C THR B 164 14.30 -4.67 -25.71
N LEU B 165 15.36 -3.89 -25.97
CA LEU B 165 16.18 -4.15 -27.14
C LEU B 165 17.01 -5.42 -26.96
N LEU B 166 17.59 -5.60 -25.78
CA LEU B 166 18.34 -6.83 -25.50
C LEU B 166 17.41 -8.02 -25.38
N THR B 167 16.18 -7.81 -24.89
CA THR B 167 15.19 -8.88 -24.87
C THR B 167 14.77 -9.27 -26.29
N ALA B 168 14.70 -8.30 -27.20
CA ALA B 168 14.45 -8.62 -28.60
C ALA B 168 15.62 -9.33 -29.26
N ILE B 169 16.85 -9.00 -28.87
CA ILE B 169 18.00 -9.76 -29.36
C ILE B 169 17.95 -11.21 -28.87
N SER B 170 17.50 -11.45 -27.63
CA SER B 170 17.29 -12.82 -27.16
C SER B 170 16.12 -13.52 -27.85
N MET B 171 15.02 -12.82 -28.11
CA MET B 171 13.92 -13.42 -28.86
C MET B 171 14.29 -13.70 -30.31
N SER B 172 15.22 -12.95 -30.88
CA SER B 172 15.77 -13.27 -32.18
C SER B 172 16.60 -14.56 -32.16
N ALA B 173 17.30 -14.82 -31.07
CA ALA B 173 17.99 -16.10 -30.94
C ALA B 173 17.01 -17.25 -30.71
N ILE B 174 15.85 -16.96 -30.10
CA ILE B 174 14.78 -17.96 -30.06
C ILE B 174 14.25 -18.24 -31.47
N ALA B 175 14.00 -17.19 -32.25
CA ALA B 175 13.37 -17.36 -33.55
C ALA B 175 14.33 -17.97 -34.58
N THR B 176 15.62 -17.69 -34.50
CA THR B 176 16.54 -18.27 -35.47
C THR B 176 17.06 -19.64 -35.08
N ASN B 177 16.37 -20.36 -34.20
CA ASN B 177 16.73 -21.74 -33.89
C ASN B 177 15.58 -22.67 -34.28
N GLY B 178 15.93 -23.75 -34.98
CA GLY B 178 14.98 -24.81 -35.24
C GLY B 178 13.97 -24.52 -36.32
N VAL B 179 12.69 -24.78 -36.03
CA VAL B 179 11.63 -24.81 -37.04
C VAL B 179 10.64 -23.66 -36.85
N VAL B 180 10.63 -23.01 -35.69
CA VAL B 180 9.62 -22.02 -35.24
C VAL B 180 8.24 -22.65 -35.31
N PRO B 181 7.85 -23.43 -34.30
CA PRO B 181 6.52 -24.07 -34.32
C PRO B 181 5.38 -23.05 -34.39
N ALA B 182 4.29 -23.46 -35.02
CA ALA B 182 3.22 -22.55 -35.39
C ALA B 182 2.40 -22.12 -34.19
N GLY B 183 2.04 -20.84 -34.17
CA GLY B 183 1.11 -20.35 -33.17
C GLY B 183 1.79 -19.82 -31.92
N GLY B 184 1.65 -18.53 -31.66
CA GLY B 184 2.04 -17.95 -30.39
C GLY B 184 3.53 -17.82 -30.13
N SER B 185 3.88 -17.03 -29.13
CA SER B 185 5.25 -16.94 -28.64
C SER B 185 5.51 -17.88 -27.48
N TYR B 186 4.46 -18.44 -26.90
CA TYR B 186 4.63 -19.43 -25.84
C TYR B 186 5.21 -20.73 -26.39
N PHE B 187 4.73 -21.16 -27.56
CA PHE B 187 5.14 -22.44 -28.10
C PHE B 187 6.57 -22.41 -28.63
N MET B 188 7.03 -21.27 -29.16
CA MET B 188 8.42 -21.12 -29.58
C MET B 188 9.38 -21.29 -28.41
N ILE B 189 9.14 -20.57 -27.32
CA ILE B 189 9.95 -20.66 -26.11
C ILE B 189 9.83 -22.04 -25.47
N SER B 190 8.63 -22.61 -25.44
CA SER B 190 8.41 -23.90 -24.80
C SER B 190 9.07 -25.04 -25.55
N ARG B 191 9.12 -24.96 -26.89
CA ARG B 191 9.75 -26.01 -27.66
C ARG B 191 11.25 -25.77 -27.88
N SER B 192 11.74 -24.55 -27.70
CA SER B 192 13.16 -24.29 -27.89
C SER B 192 13.94 -24.21 -26.60
N LEU B 193 13.28 -24.14 -25.45
CA LEU B 193 13.97 -23.96 -24.18
C LEU B 193 13.56 -24.93 -23.09
N GLY B 194 12.63 -25.83 -23.33
CA GLY B 194 12.19 -26.76 -22.33
C GLY B 194 10.99 -26.24 -21.57
N PRO B 195 10.26 -27.13 -20.90
CA PRO B 195 9.02 -26.71 -20.23
C PRO B 195 9.24 -25.93 -18.95
N GLU B 196 10.44 -25.89 -18.40
CA GLU B 196 10.63 -25.22 -17.12
C GLU B 196 10.75 -23.71 -17.28
N PHE B 197 11.55 -23.26 -18.27
CA PHE B 197 11.64 -21.83 -18.53
C PHE B 197 10.39 -21.31 -19.21
N GLY B 198 9.84 -22.10 -20.15
CA GLY B 198 8.68 -21.69 -20.91
C GLY B 198 7.44 -21.48 -20.09
N GLY B 199 7.22 -22.31 -19.07
CA GLY B 199 6.10 -22.11 -18.17
C GLY B 199 6.18 -20.83 -17.37
N ALA B 200 7.37 -20.50 -16.87
CA ALA B 200 7.59 -19.25 -16.15
C ALA B 200 7.41 -18.03 -17.04
N VAL B 201 7.94 -18.08 -18.28
CA VAL B 201 7.76 -16.97 -19.22
C VAL B 201 6.28 -16.79 -19.57
N GLY B 202 5.58 -17.87 -19.89
CA GLY B 202 4.16 -17.81 -20.19
C GLY B 202 3.29 -17.35 -19.05
N LEU B 203 3.58 -17.76 -17.82
CA LEU B 203 2.80 -17.33 -16.67
C LEU B 203 3.03 -15.87 -16.30
N CYS B 204 4.29 -15.40 -16.33
CA CYS B 204 4.54 -13.97 -16.11
C CYS B 204 3.97 -13.09 -17.22
N PHE B 205 4.00 -13.55 -18.46
CA PHE B 205 3.42 -12.78 -19.55
C PHE B 205 1.89 -12.78 -19.50
N TYR B 206 1.28 -13.88 -19.06
CA TYR B 206 -0.16 -13.89 -18.81
C TYR B 206 -0.56 -12.91 -17.73
N LEU B 207 0.16 -12.88 -16.60
CA LEU B 207 -0.17 -11.96 -15.53
C LEU B 207 0.06 -10.51 -15.95
N GLY B 208 1.11 -10.25 -16.72
CA GLY B 208 1.32 -8.94 -17.30
C GLY B 208 0.23 -8.49 -18.23
N THR B 209 -0.26 -9.36 -19.10
CA THR B 209 -1.36 -8.98 -19.98
C THR B 209 -2.68 -8.76 -19.23
N THR B 210 -2.97 -9.59 -18.22
CA THR B 210 -4.20 -9.39 -17.45
C THR B 210 -4.17 -8.13 -16.58
N PHE B 211 -3.00 -7.69 -16.13
CA PHE B 211 -3.00 -6.39 -15.46
C PHE B 211 -2.87 -5.21 -16.43
N ALA B 212 -2.34 -5.44 -17.63
CA ALA B 212 -2.34 -4.41 -18.65
C ALA B 212 -3.74 -4.07 -19.13
N ALA B 213 -4.64 -5.06 -19.15
CA ALA B 213 -6.04 -4.78 -19.42
C ALA B 213 -6.64 -3.84 -18.38
N ALA B 214 -6.31 -4.03 -17.10
CA ALA B 214 -6.79 -3.16 -16.03
C ALA B 214 -6.23 -1.75 -16.15
N MET B 215 -4.95 -1.62 -16.50
CA MET B 215 -4.38 -0.29 -16.67
C MET B 215 -4.99 0.44 -17.88
N TYR B 216 -5.24 -0.28 -18.97
CA TYR B 216 -5.88 0.32 -20.14
C TYR B 216 -7.33 0.68 -19.90
N ILE B 217 -8.03 -0.01 -19.01
CA ILE B 217 -9.38 0.41 -18.63
C ILE B 217 -9.34 1.66 -17.75
N LEU B 218 -8.43 1.70 -16.76
CA LEU B 218 -8.33 2.85 -15.88
C LEU B 218 -7.91 4.12 -16.61
N GLY B 219 -7.07 3.98 -17.65
CA GLY B 219 -6.77 5.13 -18.50
C GLY B 219 -7.95 5.70 -19.23
N ALA B 220 -8.80 4.86 -19.82
CA ALA B 220 -10.01 5.31 -20.48
C ALA B 220 -11.00 5.94 -19.51
N ILE B 221 -11.10 5.41 -18.29
CA ILE B 221 -11.97 6.03 -17.30
C ILE B 221 -11.44 7.38 -16.85
N GLU B 222 -10.12 7.53 -16.73
CA GLU B 222 -9.53 8.83 -16.41
C GLU B 222 -9.80 9.85 -17.51
N ILE B 223 -9.68 9.42 -18.77
CA ILE B 223 -9.98 10.29 -19.90
C ILE B 223 -11.47 10.66 -19.94
N LEU B 224 -12.35 9.73 -19.61
CA LEU B 224 -13.79 10.02 -19.67
C LEU B 224 -14.22 10.91 -18.51
N LEU B 225 -13.74 10.66 -17.30
CA LEU B 225 -14.20 11.43 -16.16
C LEU B 225 -13.52 12.79 -16.04
N THR B 226 -12.33 12.98 -16.58
CA THR B 226 -11.66 14.27 -16.43
C THR B 226 -11.60 15.10 -17.70
N TYR B 227 -11.91 14.57 -18.87
CA TYR B 227 -11.82 15.40 -20.07
C TYR B 227 -13.05 15.36 -20.96
N ILE B 228 -13.72 14.21 -21.10
CA ILE B 228 -14.88 14.14 -21.99
C ILE B 228 -16.14 14.60 -21.26
N ALA B 229 -16.53 13.89 -20.20
CA ALA B 229 -17.73 14.19 -19.45
C ALA B 229 -17.38 14.34 -17.98
N PRO B 230 -17.02 15.53 -17.54
CA PRO B 230 -16.82 15.78 -16.09
C PRO B 230 -18.08 15.61 -15.25
N PRO B 231 -19.30 16.07 -15.65
CA PRO B 231 -20.43 15.89 -14.71
C PRO B 231 -21.02 14.48 -14.67
N ALA B 232 -20.39 13.50 -15.33
CA ALA B 232 -20.86 12.11 -15.27
C ALA B 232 -20.10 11.37 -14.16
N ALA B 233 -20.19 11.93 -12.96
CA ALA B 233 -19.48 11.43 -11.79
C ALA B 233 -20.48 11.06 -10.71
N ILE B 234 -20.34 9.84 -10.16
CA ILE B 234 -21.28 9.39 -9.14
C ILE B 234 -20.92 9.95 -7.78
N PHE B 235 -19.67 9.81 -7.37
CA PHE B 235 -19.22 10.23 -6.05
C PHE B 235 -18.52 11.58 -6.15
N TYR B 236 -18.86 12.49 -5.24
CA TYR B 236 -18.38 13.86 -5.28
C TYR B 236 -17.54 14.17 -4.05
N PRO B 237 -16.54 15.05 -4.19
CA PRO B 237 -15.68 15.38 -3.04
C PRO B 237 -16.39 16.25 -2.01
N SER B 238 -17.13 15.60 -1.11
CA SER B 238 -17.84 16.30 -0.05
C SER B 238 -16.86 16.92 0.94
N GLY B 239 -17.36 17.92 1.66
CA GLY B 239 -16.51 18.65 2.60
C GLY B 239 -15.59 19.61 1.86
N ALA B 240 -14.40 19.77 2.43
CA ALA B 240 -13.39 20.67 1.85
C ALA B 240 -12.27 19.88 1.17
N HIS B 241 -11.65 18.97 1.90
CA HIS B 241 -10.51 18.21 1.39
C HIS B 241 -10.95 16.81 0.98
N ASP B 242 -9.95 15.97 0.67
CA ASP B 242 -10.12 14.59 0.18
C ASP B 242 -10.95 14.54 -1.10
N THR B 243 -10.39 15.13 -2.15
CA THR B 243 -10.88 14.95 -3.51
C THR B 243 -10.35 13.67 -4.15
N SER B 244 -9.61 12.86 -3.39
CA SER B 244 -9.02 11.62 -3.87
C SER B 244 -9.88 10.40 -3.60
N ASN B 245 -10.54 10.33 -2.45
CA ASN B 245 -11.36 9.16 -2.13
C ASN B 245 -12.59 9.08 -3.01
N ALA B 246 -13.22 10.23 -3.31
CA ALA B 246 -14.29 10.26 -4.28
C ALA B 246 -13.81 9.89 -5.66
N THR B 247 -12.57 10.29 -6.01
CA THR B 247 -11.98 9.90 -7.29
C THR B 247 -11.74 8.39 -7.37
N LEU B 248 -11.22 7.77 -6.30
CA LEU B 248 -10.99 6.33 -6.30
C LEU B 248 -12.30 5.56 -6.38
N ASN B 249 -13.29 5.97 -5.57
CA ASN B 249 -14.58 5.31 -5.60
C ASN B 249 -15.34 5.57 -6.90
N ASN B 250 -14.99 6.64 -7.60
CA ASN B 250 -15.54 6.92 -8.91
C ASN B 250 -14.86 6.11 -10.00
N MET B 251 -13.57 5.80 -9.83
CA MET B 251 -12.87 4.91 -10.76
C MET B 251 -13.34 3.48 -10.63
N ARG B 252 -13.62 3.01 -9.41
CA ARG B 252 -13.96 1.61 -9.20
C ARG B 252 -15.29 1.20 -9.84
N VAL B 253 -16.30 2.07 -9.77
CA VAL B 253 -17.63 1.73 -10.30
C VAL B 253 -17.60 1.64 -11.81
N TYR B 254 -17.03 2.65 -12.47
CA TYR B 254 -16.87 2.61 -13.92
C TYR B 254 -15.88 1.55 -14.37
N GLY B 255 -14.94 1.15 -13.50
CA GLY B 255 -14.07 0.04 -13.83
C GLY B 255 -14.79 -1.29 -13.89
N THR B 256 -15.61 -1.58 -12.88
CA THR B 256 -16.46 -2.76 -12.94
C THR B 256 -17.43 -2.75 -14.10
N ILE B 257 -18.02 -1.60 -14.42
CA ILE B 257 -18.92 -1.52 -15.58
C ILE B 257 -18.19 -1.76 -16.91
N PHE B 258 -17.03 -1.11 -17.13
CA PHE B 258 -16.34 -1.30 -18.41
C PHE B 258 -15.71 -2.68 -18.52
N LEU B 259 -15.29 -3.27 -17.39
CA LEU B 259 -14.75 -4.62 -17.44
C LEU B 259 -15.85 -5.65 -17.73
N THR B 260 -17.02 -5.52 -17.10
CA THR B 260 -18.10 -6.45 -17.41
C THR B 260 -18.69 -6.23 -18.81
N PHE B 261 -18.54 -5.03 -19.37
CA PHE B 261 -18.94 -4.87 -20.77
C PHE B 261 -17.91 -5.46 -21.73
N MET B 262 -16.63 -5.17 -21.53
CA MET B 262 -15.61 -5.63 -22.45
C MET B 262 -15.19 -7.08 -22.23
N THR B 263 -15.75 -7.77 -21.23
CA THR B 263 -15.65 -9.23 -21.26
C THR B 263 -16.81 -9.89 -21.97
N LEU B 264 -18.00 -9.27 -21.95
CA LEU B 264 -19.09 -9.79 -22.76
C LEU B 264 -18.85 -9.58 -24.25
N VAL B 265 -18.19 -8.47 -24.61
CA VAL B 265 -17.83 -8.25 -26.02
C VAL B 265 -16.84 -9.31 -26.50
N VAL B 266 -15.84 -9.64 -25.66
CA VAL B 266 -14.90 -10.69 -26.00
C VAL B 266 -15.56 -12.06 -25.97
N PHE B 267 -16.54 -12.29 -25.11
CA PHE B 267 -17.25 -13.56 -25.08
C PHE B 267 -18.15 -13.77 -26.29
N VAL B 268 -18.71 -12.70 -26.86
CA VAL B 268 -19.63 -12.83 -27.96
C VAL B 268 -19.00 -12.47 -29.31
N GLY B 269 -18.20 -11.41 -29.38
CA GLY B 269 -17.83 -10.79 -30.64
C GLY B 269 -16.36 -10.80 -31.01
N VAL B 270 -15.68 -11.94 -30.92
CA VAL B 270 -14.25 -12.04 -31.23
C VAL B 270 -13.96 -11.61 -32.65
N LYS B 271 -14.81 -12.00 -33.60
CA LYS B 271 -14.56 -11.70 -35.01
C LYS B 271 -14.69 -10.21 -35.31
N TYR B 272 -15.52 -9.50 -34.55
CA TYR B 272 -15.68 -8.06 -34.73
C TYR B 272 -14.57 -7.28 -34.06
N VAL B 273 -13.97 -7.82 -33.00
CA VAL B 273 -12.78 -7.21 -32.42
C VAL B 273 -11.58 -7.43 -33.34
N ASN B 274 -11.48 -8.61 -33.95
CA ASN B 274 -10.37 -8.86 -34.89
C ASN B 274 -10.55 -8.11 -36.20
N LYS B 275 -11.79 -7.80 -36.60
CA LYS B 275 -12.00 -7.10 -37.85
C LYS B 275 -11.67 -5.61 -37.75
N PHE B 276 -11.90 -5.00 -36.59
CA PHE B 276 -11.62 -3.58 -36.38
C PHE B 276 -10.34 -3.35 -35.59
N ALA B 277 -9.30 -4.15 -35.83
CA ALA B 277 -8.08 -4.02 -35.06
C ALA B 277 -7.12 -2.98 -35.63
N SER B 278 -7.23 -2.65 -36.92
CA SER B 278 -6.37 -1.65 -37.53
C SER B 278 -6.89 -0.24 -37.35
N LEU B 279 -8.17 -0.07 -37.02
CA LEU B 279 -8.73 1.24 -36.74
C LEU B 279 -8.14 1.83 -35.47
N PHE B 280 -7.89 1.00 -34.46
CA PHE B 280 -7.27 1.47 -33.23
C PHE B 280 -5.79 1.80 -33.41
N LEU B 281 -5.17 1.33 -34.48
CA LEU B 281 -3.80 1.72 -34.79
C LEU B 281 -3.78 3.01 -35.60
N ALA B 282 -4.75 3.16 -36.50
CA ALA B 282 -4.92 4.42 -37.22
C ALA B 282 -5.23 5.58 -36.30
N CYS B 283 -6.01 5.36 -35.23
CA CYS B 283 -6.25 6.40 -34.23
C CYS B 283 -4.98 6.86 -33.54
N VAL B 284 -4.10 5.93 -33.15
CA VAL B 284 -2.83 6.25 -32.53
C VAL B 284 -1.94 7.05 -33.47
N ILE B 285 -1.81 6.61 -34.73
CA ILE B 285 -0.95 7.31 -35.67
C ILE B 285 -1.47 8.72 -36.00
N ILE B 286 -2.79 8.89 -36.16
CA ILE B 286 -3.34 10.22 -36.39
C ILE B 286 -3.15 11.13 -35.18
N SER B 287 -3.34 10.58 -33.97
CA SER B 287 -3.19 11.41 -32.79
C SER B 287 -1.74 11.68 -32.41
N ILE B 288 -0.77 10.99 -33.01
CA ILE B 288 0.64 11.35 -32.86
C ILE B 288 1.08 12.37 -33.92
N LEU B 289 0.61 12.19 -35.15
CA LEU B 289 0.92 13.15 -36.21
C LEU B 289 0.30 14.51 -35.93
N SER B 290 -0.83 14.56 -35.22
CA SER B 290 -1.39 15.83 -34.79
C SER B 290 -0.53 16.55 -33.75
N ILE B 291 0.08 15.80 -32.81
CA ILE B 291 1.04 16.35 -31.86
C ILE B 291 2.21 16.98 -32.58
N TYR B 292 2.80 16.25 -33.54
CA TYR B 292 3.96 16.81 -34.25
C TYR B 292 3.56 17.97 -35.18
N ALA B 293 2.37 17.91 -35.78
CA ALA B 293 1.93 18.98 -36.66
C ALA B 293 1.66 20.27 -35.89
N GLY B 294 1.22 20.16 -34.64
CA GLY B 294 1.06 21.36 -33.84
C GLY B 294 2.34 21.85 -33.23
N GLY B 295 3.24 20.93 -32.88
CA GLY B 295 4.54 21.31 -32.37
C GLY B 295 5.43 21.99 -33.39
N ILE B 296 5.23 21.71 -34.67
CA ILE B 296 5.92 22.48 -35.70
C ILE B 296 5.25 23.85 -35.92
N LYS B 297 3.92 23.93 -35.81
CA LYS B 297 3.23 25.21 -35.91
C LYS B 297 3.63 26.17 -34.80
N SER B 298 3.91 25.64 -33.60
CA SER B 298 4.26 26.51 -32.46
C SER B 298 5.57 27.26 -32.63
N ILE B 299 6.39 26.90 -33.62
CA ILE B 299 7.54 27.72 -33.97
C ILE B 299 7.09 29.07 -34.52
N PHE B 300 6.05 29.07 -35.36
CA PHE B 300 5.57 30.28 -36.02
C PHE B 300 4.36 30.86 -35.31
N ASP B 301 3.31 30.08 -35.12
CA ASP B 301 2.03 30.58 -34.59
C ASP B 301 1.63 29.72 -33.40
N PRO B 302 2.07 30.07 -32.20
CA PRO B 302 1.70 29.26 -31.03
C PRO B 302 0.27 29.55 -30.62
N PRO B 303 -0.42 28.58 -30.03
CA PRO B 303 -1.80 28.81 -29.59
C PRO B 303 -1.88 29.61 -28.30
N VAL B 304 -3.08 30.02 -27.90
CA VAL B 304 -3.28 30.90 -26.77
C VAL B 304 -3.89 30.09 -25.64
N PHE B 305 -3.11 29.83 -24.60
CA PHE B 305 -3.60 29.22 -23.36
C PHE B 305 -2.97 30.00 -22.21
N PRO B 306 -3.68 30.99 -21.65
CA PRO B 306 -3.08 31.78 -20.57
C PRO B 306 -3.09 31.03 -19.25
N VAL B 307 -2.00 31.18 -18.50
CA VAL B 307 -1.83 30.57 -17.19
C VAL B 307 -1.76 31.69 -16.16
N CYS B 308 -2.64 31.65 -15.18
CA CYS B 308 -2.74 32.67 -14.16
C CYS B 308 -1.88 32.26 -12.96
N MET B 309 -1.02 33.16 -12.50
CA MET B 309 -0.15 32.89 -11.37
C MET B 309 -0.15 34.06 -10.41
N LEU B 310 0.38 33.78 -9.22
CA LEU B 310 0.37 34.72 -8.10
C LEU B 310 1.70 34.52 -7.38
N GLY B 311 2.71 35.29 -7.76
CA GLY B 311 4.05 35.03 -7.27
C GLY B 311 4.65 33.86 -8.01
N ASN B 312 5.33 32.94 -7.30
CA ASN B 312 5.76 31.72 -7.94
C ASN B 312 4.60 30.78 -8.19
N ARG B 313 3.57 30.85 -7.36
CA ARG B 313 2.54 29.83 -7.32
C ARG B 313 1.58 29.96 -8.50
N THR B 314 1.24 28.83 -9.11
CA THR B 314 0.22 28.78 -10.15
C THR B 314 -1.09 28.35 -9.50
N LEU B 315 -2.19 28.86 -10.03
CA LEU B 315 -3.51 28.60 -9.50
C LEU B 315 -4.43 27.90 -10.46
N SER B 316 -5.51 27.34 -9.93
CA SER B 316 -6.49 26.64 -10.75
C SER B 316 -7.47 27.61 -11.38
N ARG B 317 -7.45 27.68 -12.71
CA ARG B 317 -8.23 28.65 -13.46
C ARG B 317 -9.70 28.25 -13.56
N ASP B 318 -10.03 27.00 -13.27
CA ASP B 318 -11.39 26.50 -13.45
C ASP B 318 -12.37 27.10 -12.44
N GLN B 319 -11.87 27.63 -11.32
CA GLN B 319 -12.75 28.08 -10.25
C GLN B 319 -13.17 29.55 -10.42
N PHE B 320 -12.20 30.43 -10.60
CA PHE B 320 -12.49 31.86 -10.68
C PHE B 320 -12.70 32.27 -12.14
N ASP B 321 -13.08 33.53 -12.34
CA ASP B 321 -13.47 34.03 -13.66
C ASP B 321 -12.33 34.73 -14.38
N ILE B 322 -11.83 35.82 -13.82
CA ILE B 322 -10.86 36.69 -14.50
C ILE B 322 -9.57 36.71 -13.69
N CYS B 323 -8.44 36.68 -14.38
CA CYS B 323 -7.12 36.69 -13.74
C CYS B 323 -6.69 38.14 -13.50
N ALA B 324 -7.31 38.74 -12.49
CA ALA B 324 -6.98 40.09 -12.07
C ALA B 324 -7.37 40.24 -10.61
N LYS B 325 -6.63 41.10 -9.90
CA LYS B 325 -6.93 41.31 -8.50
C LYS B 325 -8.09 42.27 -8.31
N THR B 326 -8.19 43.30 -9.14
CA THR B 326 -9.34 44.20 -9.16
C THR B 326 -9.80 44.37 -10.60
N ALA B 327 -11.05 44.76 -10.78
CA ALA B 327 -11.60 45.04 -12.10
C ALA B 327 -12.44 46.30 -12.04
N VAL B 328 -13.01 46.67 -13.19
CA VAL B 328 -13.83 47.88 -13.30
C VAL B 328 -15.19 47.48 -13.87
N VAL B 329 -16.25 47.76 -13.11
CA VAL B 329 -17.61 47.68 -13.63
C VAL B 329 -18.28 49.02 -13.34
N ASP B 330 -19.15 49.46 -14.23
CA ASP B 330 -19.83 50.74 -14.06
C ASP B 330 -18.90 51.87 -13.57
N ASN B 331 -17.80 52.09 -14.29
CA ASN B 331 -16.85 53.15 -13.93
C ASN B 331 -16.54 53.15 -12.43
N GLU B 332 -16.34 51.96 -11.87
CA GLU B 332 -16.03 51.77 -10.46
C GLU B 332 -15.14 50.56 -10.30
N THR B 333 -14.08 50.70 -9.50
CA THR B 333 -13.16 49.62 -9.21
C THR B 333 -13.78 48.69 -8.17
N VAL B 334 -14.00 47.44 -8.57
CA VAL B 334 -14.65 46.43 -7.74
C VAL B 334 -13.70 45.24 -7.66
N ALA B 335 -13.62 44.66 -6.45
CA ALA B 335 -12.90 43.43 -6.22
C ALA B 335 -13.48 42.30 -7.06
N THR B 336 -12.60 41.50 -7.67
CA THR B 336 -13.02 40.44 -8.56
C THR B 336 -13.54 39.23 -7.79
N GLN B 337 -13.82 38.17 -8.53
CA GLN B 337 -14.12 36.90 -7.89
C GLN B 337 -12.87 36.28 -7.30
N LEU B 338 -11.70 36.58 -7.88
CA LEU B 338 -10.44 36.07 -7.37
C LEU B 338 -10.06 36.73 -6.04
N TRP B 339 -10.55 37.93 -5.79
CA TRP B 339 -10.34 38.57 -4.49
C TRP B 339 -11.12 37.88 -3.39
N SER B 340 -12.34 37.43 -3.70
CA SER B 340 -13.24 36.89 -2.70
C SER B 340 -12.79 35.52 -2.20
N PHE B 341 -12.05 34.77 -3.02
CA PHE B 341 -11.53 33.49 -2.57
C PHE B 341 -10.37 33.63 -1.60
N PHE B 342 -9.59 34.69 -1.69
CA PHE B 342 -8.42 34.88 -0.83
C PHE B 342 -8.67 35.77 0.37
N CYS B 343 -9.63 36.70 0.29
CA CYS B 343 -9.82 37.67 1.35
C CYS B 343 -11.15 37.56 2.08
N HIS B 344 -12.10 36.79 1.54
CA HIS B 344 -13.39 36.46 2.19
C HIS B 344 -14.23 37.71 2.47
N SER B 345 -14.13 38.70 1.60
CA SER B 345 -14.90 39.95 1.67
C SER B 345 -14.81 40.66 0.32
N PRO B 346 -15.90 41.28 -0.15
CA PRO B 346 -15.83 42.11 -1.35
C PRO B 346 -15.32 43.53 -1.11
N ASN B 347 -14.72 43.81 0.03
CA ASN B 347 -14.23 45.15 0.35
C ASN B 347 -12.73 45.23 0.07
N LEU B 348 -12.30 46.34 -0.52
CA LEU B 348 -10.92 46.49 -0.95
C LEU B 348 -9.98 46.94 0.17
N THR B 349 -10.50 47.27 1.35
CA THR B 349 -9.65 47.77 2.44
C THR B 349 -9.86 46.94 3.69
N THR B 350 -9.78 45.62 3.56
CA THR B 350 -9.83 44.74 4.71
C THR B 350 -8.43 44.25 5.06
N ASP B 351 -8.30 43.74 6.29
CA ASP B 351 -7.06 43.14 6.77
C ASP B 351 -7.23 41.67 7.10
N SER B 352 -8.23 41.01 6.51
CA SER B 352 -8.44 39.59 6.69
C SER B 352 -7.78 38.75 5.60
N CYS B 353 -6.99 39.37 4.73
CA CYS B 353 -6.36 38.64 3.64
C CYS B 353 -5.14 37.89 4.14
N ASP B 354 -4.77 36.83 3.42
CA ASP B 354 -3.48 36.22 3.70
C ASP B 354 -2.35 37.11 3.20
N PRO B 355 -1.25 37.19 3.93
CA PRO B 355 -0.18 38.13 3.56
C PRO B 355 0.61 37.71 2.33
N TYR B 356 0.42 36.51 1.78
CA TYR B 356 1.04 36.21 0.50
C TYR B 356 0.29 36.86 -0.65
N PHE B 357 -1.04 36.89 -0.59
CA PHE B 357 -1.83 37.54 -1.63
C PHE B 357 -1.66 39.05 -1.64
N MET B 358 -1.35 39.65 -0.49
CA MET B 358 -1.23 41.10 -0.42
C MET B 358 0.10 41.59 -0.98
N LEU B 359 1.19 40.90 -0.64
CA LEU B 359 2.51 41.35 -1.06
C LEU B 359 2.83 41.04 -2.51
N ASN B 360 2.03 40.20 -3.17
CA ASN B 360 2.37 39.70 -4.49
C ASN B 360 1.32 40.09 -5.50
N ASN B 361 1.70 40.00 -6.78
CA ASN B 361 0.91 40.52 -7.87
C ASN B 361 0.48 39.36 -8.78
N VAL B 362 -0.63 39.55 -9.48
CA VAL B 362 -1.25 38.45 -10.24
C VAL B 362 -0.94 38.65 -11.72
N THR B 363 -0.43 37.59 -12.37
CA THR B 363 0.19 37.72 -13.68
C THR B 363 -0.21 36.54 -14.56
N GLU B 364 -0.57 36.83 -15.81
CA GLU B 364 -0.75 35.80 -16.82
C GLU B 364 0.54 35.56 -17.60
N ILE B 365 0.78 34.30 -17.94
CA ILE B 365 1.87 33.93 -18.84
C ILE B 365 1.29 33.10 -19.98
N PRO B 366 1.99 33.02 -21.12
CA PRO B 366 1.60 32.06 -22.15
C PRO B 366 1.91 30.65 -21.70
N GLY B 367 0.89 29.79 -21.70
CA GLY B 367 1.11 28.40 -21.33
C GLY B 367 1.90 27.63 -22.37
N ILE B 368 1.75 28.01 -23.63
CA ILE B 368 2.60 27.47 -24.69
C ILE B 368 3.35 28.63 -25.33
N PRO B 369 4.59 28.90 -24.90
CA PRO B 369 5.36 29.99 -25.51
C PRO B 369 5.98 29.63 -26.85
N GLY B 370 5.76 28.41 -27.34
CA GLY B 370 6.30 27.99 -28.61
C GLY B 370 7.65 27.33 -28.47
N ALA B 371 8.08 26.68 -29.55
CA ALA B 371 9.39 26.04 -29.57
C ALA B 371 10.48 27.09 -29.64
N ALA B 372 11.34 27.12 -28.63
CA ALA B 372 12.44 28.06 -28.57
C ALA B 372 13.56 27.44 -27.76
N ALA B 373 14.72 28.09 -27.80
CA ALA B 373 15.86 27.60 -27.02
C ALA B 373 15.78 28.02 -25.57
N GLY B 374 15.21 29.20 -25.30
CA GLY B 374 15.07 29.66 -23.93
C GLY B 374 14.01 28.91 -23.15
N VAL B 375 13.06 28.28 -23.85
CA VAL B 375 12.08 27.44 -23.19
C VAL B 375 12.66 26.07 -22.90
N LEU B 376 13.41 25.52 -23.85
CA LEU B 376 14.07 24.24 -23.67
C LEU B 376 15.20 24.31 -22.66
N GLN B 377 15.75 25.50 -22.42
CA GLN B 377 16.79 25.68 -21.42
C GLN B 377 16.23 25.67 -20.00
N GLU B 378 15.00 26.14 -19.80
CA GLU B 378 14.42 26.20 -18.47
C GLU B 378 13.78 24.88 -18.04
N ASN B 379 13.32 24.07 -19.00
CA ASN B 379 12.73 22.77 -18.71
C ASN B 379 13.76 21.66 -18.64
N LEU B 380 15.02 22.00 -18.41
CA LEU B 380 16.12 21.07 -18.61
C LEU B 380 16.50 20.32 -17.34
N TRP B 381 16.04 20.77 -16.18
CA TRP B 381 16.48 20.22 -14.90
C TRP B 381 15.31 19.74 -14.07
N SER B 382 15.61 18.90 -13.09
CA SER B 382 14.58 18.20 -12.34
C SER B 382 13.90 19.11 -11.34
N ALA B 383 12.59 18.94 -11.21
CA ALA B 383 11.81 19.64 -10.17
C ALA B 383 10.86 18.61 -9.55
N TYR B 384 11.36 17.89 -8.56
CA TYR B 384 10.57 16.88 -7.85
C TYR B 384 9.85 17.52 -6.68
N LEU B 385 8.60 17.15 -6.49
CA LEU B 385 7.77 17.71 -5.43
C LEU B 385 7.26 16.59 -4.55
N GLU B 386 7.04 16.92 -3.29
CA GLU B 386 6.38 16.00 -2.38
C GLU B 386 4.87 16.23 -2.44
N LYS B 387 4.12 15.32 -1.83
CA LYS B 387 2.67 15.41 -1.89
C LYS B 387 2.18 16.59 -1.07
N GLY B 388 1.47 17.50 -1.73
CA GLY B 388 1.00 18.70 -1.10
C GLY B 388 1.71 19.98 -1.49
N ASP B 389 2.80 19.88 -2.23
CA ASP B 389 3.53 21.07 -2.63
C ASP B 389 2.86 21.73 -3.83
N ILE B 390 3.16 23.00 -4.03
CA ILE B 390 2.53 23.80 -5.07
C ILE B 390 3.49 23.89 -6.25
N VAL B 391 2.95 23.78 -7.47
CA VAL B 391 3.75 23.93 -8.67
C VAL B 391 4.17 25.39 -8.81
N GLU B 392 5.48 25.62 -8.95
CA GLU B 392 6.04 26.97 -8.95
C GLU B 392 7.01 27.15 -10.11
N LYS B 393 7.12 28.39 -10.58
CA LYS B 393 8.16 28.74 -11.53
C LYS B 393 9.49 28.99 -10.82
N HIS B 394 10.45 29.49 -11.57
CA HIS B 394 11.77 29.83 -11.04
C HIS B 394 12.18 31.25 -11.34
N GLY B 395 11.82 31.77 -12.51
CA GLY B 395 12.25 33.09 -12.90
C GLY B 395 11.27 34.20 -12.62
N LEU B 396 10.59 34.12 -11.48
CA LEU B 396 9.67 35.19 -11.15
C LEU B 396 9.98 35.79 -9.79
N PRO B 397 9.75 37.09 -9.61
CA PRO B 397 9.85 37.67 -8.27
C PRO B 397 8.66 37.25 -7.42
N SER B 398 8.94 36.94 -6.16
CA SER B 398 7.88 36.59 -5.23
C SER B 398 8.31 37.02 -3.84
N ALA B 399 7.41 37.71 -3.14
CA ALA B 399 7.69 38.17 -1.79
C ALA B 399 7.35 37.07 -0.79
N ASP B 400 8.26 36.80 0.12
CA ASP B 400 8.05 35.74 1.11
C ASP B 400 7.06 36.19 2.17
N ALA B 401 6.04 35.37 2.40
CA ALA B 401 4.99 35.63 3.36
C ALA B 401 4.28 34.31 3.67
N PRO B 402 3.72 34.13 4.87
CA PRO B 402 2.94 32.93 5.14
C PRO B 402 1.60 32.97 4.42
N SER B 403 0.99 31.80 4.27
CA SER B 403 -0.26 31.66 3.55
C SER B 403 -1.25 30.88 4.38
N LEU B 404 -2.52 31.24 4.26
CA LEU B 404 -3.57 30.58 5.02
C LEU B 404 -3.80 29.17 4.49
N LYS B 405 -4.19 28.27 5.39
CA LYS B 405 -4.51 26.90 5.00
C LYS B 405 -5.81 26.83 4.20
N GLU B 406 -6.70 27.79 4.38
CA GLU B 406 -7.99 27.77 3.69
C GLU B 406 -7.90 28.21 2.24
N SER B 407 -6.75 28.70 1.79
CA SER B 407 -6.53 29.08 0.40
C SER B 407 -5.73 28.04 -0.37
N LEU B 408 -5.41 26.93 0.26
CA LEU B 408 -4.68 25.83 -0.35
C LEU B 408 -5.43 25.10 -1.47
N PRO B 409 -6.77 24.97 -1.49
CA PRO B 409 -7.42 24.51 -2.74
C PRO B 409 -7.33 25.47 -3.91
N LEU B 410 -6.86 26.70 -3.71
CA LEU B 410 -6.76 27.66 -4.82
C LEU B 410 -5.38 27.62 -5.46
N TYR B 411 -4.87 26.41 -5.72
CA TYR B 411 -3.54 26.25 -6.27
C TYR B 411 -3.47 24.92 -6.98
N VAL B 412 -2.49 24.78 -7.85
CA VAL B 412 -2.17 23.49 -8.46
C VAL B 412 -1.19 22.77 -7.54
N VAL B 413 -1.59 21.59 -7.09
CA VAL B 413 -0.89 20.85 -6.06
C VAL B 413 -0.42 19.52 -6.66
N ALA B 414 0.80 19.12 -6.32
CA ALA B 414 1.31 17.81 -6.69
C ALA B 414 0.46 16.70 -6.08
N ASP B 415 -0.04 15.80 -6.94
CA ASP B 415 -0.93 14.74 -6.48
C ASP B 415 -0.19 13.70 -5.66
N ILE B 416 0.93 13.18 -6.18
CA ILE B 416 1.72 12.18 -5.48
C ILE B 416 3.15 12.66 -5.35
N ALA B 417 3.88 12.04 -4.44
CA ALA B 417 5.30 12.34 -4.30
C ALA B 417 6.07 11.69 -5.43
N THR B 418 7.05 12.40 -5.96
CA THR B 418 7.78 11.96 -7.15
C THR B 418 9.27 11.81 -6.84
N SER B 419 9.90 10.90 -7.58
CA SER B 419 11.35 10.75 -7.60
C SER B 419 11.72 10.07 -8.91
N PHE B 420 12.97 9.65 -9.02
CA PHE B 420 13.40 8.93 -10.22
C PHE B 420 12.80 7.54 -10.26
N THR B 421 12.82 6.83 -9.15
CA THR B 421 12.31 5.47 -9.06
C THR B 421 10.79 5.40 -9.19
N VAL B 422 10.09 6.49 -8.90
CA VAL B 422 8.66 6.53 -9.17
C VAL B 422 8.39 6.66 -10.65
N LEU B 423 9.11 7.53 -11.35
CA LEU B 423 8.88 7.78 -12.77
C LEU B 423 9.33 6.63 -13.66
N VAL B 424 10.37 5.88 -13.28
CA VAL B 424 10.77 4.71 -14.05
C VAL B 424 9.67 3.65 -14.07
N GLY B 425 9.05 3.40 -12.91
CA GLY B 425 8.02 2.38 -12.83
C GLY B 425 6.74 2.76 -13.52
N ILE B 426 6.47 4.06 -13.65
CA ILE B 426 5.31 4.51 -14.40
C ILE B 426 5.59 4.55 -15.90
N PHE B 427 6.83 4.86 -16.31
CA PHE B 427 7.15 4.86 -17.74
C PHE B 427 7.25 3.48 -18.35
N PHE B 428 7.78 2.49 -17.61
CA PHE B 428 8.15 1.21 -18.20
C PHE B 428 7.06 0.45 -18.97
N PRO B 429 5.76 0.47 -18.61
CA PRO B 429 4.78 -0.19 -19.50
C PRO B 429 4.46 0.56 -20.79
N SER B 430 5.20 1.60 -21.16
CA SER B 430 5.10 2.17 -22.49
C SER B 430 5.92 1.40 -23.50
N VAL B 431 6.84 0.55 -23.06
CA VAL B 431 7.86 0.00 -23.95
C VAL B 431 7.55 -1.48 -24.18
N THR B 432 6.74 -2.05 -23.30
CA THR B 432 6.42 -3.48 -23.40
C THR B 432 5.49 -3.73 -24.59
N GLY B 433 5.58 -4.94 -25.14
CA GLY B 433 4.84 -5.28 -26.33
C GLY B 433 5.66 -6.00 -27.38
N ILE B 434 6.84 -6.49 -27.00
CA ILE B 434 7.67 -7.28 -27.91
C ILE B 434 6.97 -8.59 -28.26
N MET B 435 6.56 -9.32 -27.22
CA MET B 435 6.11 -10.70 -27.29
C MET B 435 4.85 -10.89 -28.11
N ALA B 436 4.09 -9.82 -28.36
CA ALA B 436 2.91 -9.89 -29.19
C ALA B 436 3.20 -9.61 -30.66
N GLY B 437 4.47 -9.71 -31.07
CA GLY B 437 4.81 -9.77 -32.48
C GLY B 437 5.22 -11.15 -32.94
N SER B 438 5.10 -12.17 -32.09
CA SER B 438 5.33 -13.54 -32.49
C SER B 438 4.05 -14.37 -32.45
N ASN B 439 2.90 -13.73 -32.27
CA ASN B 439 1.64 -14.47 -32.20
C ASN B 439 1.22 -15.02 -33.55
N ARG B 440 1.71 -14.41 -34.63
CA ARG B 440 1.43 -14.87 -35.99
C ARG B 440 2.59 -15.68 -36.55
N SER B 441 3.28 -16.45 -35.69
CA SER B 441 4.48 -17.16 -36.12
C SER B 441 4.20 -18.37 -36.99
N GLY B 442 2.94 -18.77 -37.15
CA GLY B 442 2.60 -19.84 -38.06
C GLY B 442 2.14 -19.31 -39.40
N ASP B 443 1.66 -18.07 -39.42
CA ASP B 443 1.13 -17.47 -40.64
C ASP B 443 2.20 -16.81 -41.49
N LEU B 444 3.43 -16.70 -41.00
CA LEU B 444 4.49 -16.03 -41.75
C LEU B 444 5.03 -16.94 -42.84
N ARG B 445 5.71 -16.33 -43.81
CA ARG B 445 6.44 -17.11 -44.80
C ARG B 445 7.80 -17.55 -44.26
N ASP B 446 8.62 -16.60 -43.82
CA ASP B 446 9.96 -16.88 -43.30
C ASP B 446 9.98 -16.35 -41.87
N ALA B 447 9.58 -17.20 -40.92
CA ALA B 447 9.42 -16.77 -39.54
C ALA B 447 10.76 -16.49 -38.86
N GLN B 448 11.85 -17.05 -39.36
CA GLN B 448 13.14 -16.76 -38.76
C GLN B 448 13.78 -15.52 -39.38
N LYS B 449 13.12 -14.89 -40.34
CA LYS B 449 13.56 -13.61 -40.89
C LYS B 449 12.64 -12.46 -40.46
N SER B 450 11.33 -12.69 -40.47
CA SER B 450 10.38 -11.61 -40.23
C SER B 450 10.33 -11.19 -38.76
N ILE B 451 10.54 -12.12 -37.84
CA ILE B 451 10.47 -11.78 -36.42
C ILE B 451 11.68 -10.97 -35.93
N PRO B 452 12.95 -11.37 -36.19
CA PRO B 452 14.06 -10.52 -35.72
C PRO B 452 14.16 -9.16 -36.39
N VAL B 453 13.79 -9.05 -37.66
CA VAL B 453 13.76 -7.73 -38.29
C VAL B 453 12.61 -6.89 -37.77
N GLY B 454 11.41 -7.46 -37.72
CA GLY B 454 10.21 -6.74 -37.32
C GLY B 454 10.19 -6.23 -35.90
N THR B 455 10.54 -7.08 -34.92
CA THR B 455 10.53 -6.63 -33.54
C THR B 455 11.61 -5.58 -33.25
N ILE B 456 12.80 -5.73 -33.84
CA ILE B 456 13.85 -4.75 -33.61
C ILE B 456 13.55 -3.42 -34.29
N LEU B 457 13.01 -3.43 -35.52
CA LEU B 457 12.62 -2.18 -36.15
C LEU B 457 11.45 -1.51 -35.46
N ALA B 458 10.52 -2.28 -34.90
CA ALA B 458 9.44 -1.67 -34.14
C ALA B 458 9.90 -1.03 -32.84
N ILE B 459 10.82 -1.69 -32.11
CA ILE B 459 11.41 -1.08 -30.92
C ILE B 459 12.20 0.18 -31.26
N ILE B 460 12.97 0.17 -32.35
CA ILE B 460 13.69 1.37 -32.79
C ILE B 460 12.77 2.53 -33.14
N THR B 461 11.70 2.28 -33.92
CA THR B 461 10.81 3.38 -34.29
C THR B 461 10.02 3.92 -33.10
N THR B 462 9.54 3.04 -32.20
CA THR B 462 8.82 3.55 -31.04
C THR B 462 9.74 4.29 -30.08
N SER B 463 11.00 3.86 -29.95
CA SER B 463 11.92 4.58 -29.07
C SER B 463 12.34 5.92 -29.67
N LEU B 464 12.45 6.01 -30.99
CA LEU B 464 12.69 7.31 -31.62
C LEU B 464 11.53 8.27 -31.43
N VAL B 465 10.29 7.75 -31.52
CA VAL B 465 9.11 8.56 -31.21
C VAL B 465 9.14 9.05 -29.76
N TYR B 466 9.55 8.21 -28.80
CA TYR B 466 9.62 8.69 -27.43
C TYR B 466 10.72 9.72 -27.19
N PHE B 467 11.91 9.56 -27.78
CA PHE B 467 12.97 10.57 -27.63
C PHE B 467 12.56 11.91 -28.24
N SER B 468 12.05 11.87 -29.47
CA SER B 468 11.62 13.10 -30.13
C SER B 468 10.44 13.76 -29.44
N SER B 469 9.53 13.00 -28.85
CA SER B 469 8.43 13.60 -28.10
C SER B 469 8.88 14.19 -26.77
N VAL B 470 9.86 13.57 -26.09
CA VAL B 470 10.42 14.19 -24.89
C VAL B 470 11.07 15.54 -25.20
N VAL B 471 11.88 15.59 -26.27
CA VAL B 471 12.49 16.86 -26.66
C VAL B 471 11.44 17.88 -27.13
N LEU B 472 10.38 17.41 -27.81
CA LEU B 472 9.33 18.31 -28.29
C LEU B 472 8.54 18.93 -27.16
N PHE B 473 8.11 18.11 -26.19
CA PHE B 473 7.34 18.65 -25.07
C PHE B 473 8.22 19.49 -24.15
N GLY B 474 9.50 19.16 -24.04
CA GLY B 474 10.38 20.01 -23.27
C GLY B 474 10.66 21.34 -23.91
N ALA B 475 10.65 21.41 -25.24
CA ALA B 475 10.94 22.66 -25.92
C ALA B 475 9.71 23.51 -26.25
N CYS B 476 8.52 22.93 -26.29
CA CYS B 476 7.33 23.70 -26.65
C CYS B 476 6.50 24.15 -25.46
N ILE B 477 6.12 23.23 -24.59
CA ILE B 477 5.21 23.51 -23.48
C ILE B 477 6.03 23.92 -22.27
N GLU B 478 5.52 24.89 -21.52
CA GLU B 478 6.20 25.40 -20.33
C GLU B 478 6.03 24.43 -19.17
N GLY B 479 7.04 24.37 -18.29
CA GLY B 479 7.12 23.32 -17.31
C GLY B 479 6.08 23.38 -16.21
N VAL B 480 5.47 24.54 -16.01
CA VAL B 480 4.38 24.65 -15.06
C VAL B 480 3.14 23.95 -15.59
N VAL B 481 2.87 24.10 -16.89
CA VAL B 481 1.78 23.36 -17.52
C VAL B 481 2.11 21.88 -17.60
N LEU B 482 3.39 21.54 -17.78
CA LEU B 482 3.82 20.16 -17.85
C LEU B 482 3.65 19.45 -16.51
N ARG B 483 3.97 20.13 -15.41
CA ARG B 483 3.80 19.55 -14.09
C ARG B 483 2.36 19.54 -13.62
N ASP B 484 1.41 20.02 -14.41
CA ASP B 484 -0.02 19.88 -14.10
C ASP B 484 -0.46 18.51 -14.59
N LYS B 485 -0.40 17.53 -13.69
CA LYS B 485 -1.20 16.34 -13.92
C LYS B 485 -2.66 16.75 -13.76
N TYR B 486 -3.50 16.26 -14.68
CA TYR B 486 -4.92 16.53 -14.90
C TYR B 486 -5.17 17.93 -15.46
N GLY B 487 -4.14 18.73 -15.72
CA GLY B 487 -4.27 20.01 -16.39
C GLY B 487 -5.08 21.07 -15.68
N ASP B 488 -4.85 21.24 -14.38
CA ASP B 488 -5.60 22.22 -13.60
C ASP B 488 -5.23 23.66 -13.92
N GLY B 489 -3.99 23.89 -14.38
CA GLY B 489 -3.57 25.24 -14.68
C GLY B 489 -4.21 25.80 -15.94
N VAL B 490 -4.58 24.94 -16.88
CA VAL B 490 -5.22 25.36 -18.12
C VAL B 490 -6.57 24.64 -18.25
N SER B 491 -7.59 25.20 -17.57
CA SER B 491 -9.03 25.00 -17.83
C SER B 491 -9.47 23.54 -17.99
N ARG B 492 -8.77 22.61 -17.31
CA ARG B 492 -9.00 21.16 -17.40
C ARG B 492 -8.89 20.64 -18.84
N ASN B 493 -7.73 20.86 -19.44
CA ASN B 493 -7.40 20.36 -20.76
C ASN B 493 -6.25 19.38 -20.66
N LEU B 494 -6.10 18.52 -21.67
CA LEU B 494 -4.89 17.72 -21.78
C LEU B 494 -3.71 18.61 -22.10
N VAL B 495 -2.60 18.41 -21.38
CA VAL B 495 -1.37 19.11 -21.70
C VAL B 495 -0.84 18.64 -23.05
N VAL B 496 -1.07 17.36 -23.38
CA VAL B 496 -0.77 16.87 -24.71
C VAL B 496 -1.69 17.52 -25.74
N GLY B 497 -2.97 17.69 -25.38
CA GLY B 497 -3.97 18.18 -26.31
C GLY B 497 -3.86 19.63 -26.66
N THR B 498 -3.29 20.46 -25.77
CA THR B 498 -3.12 21.88 -26.06
C THR B 498 -2.11 22.13 -27.17
N LEU B 499 -1.23 21.18 -27.45
CA LEU B 499 -0.22 21.34 -28.48
C LEU B 499 -0.67 20.82 -29.85
N ALA B 500 -1.82 20.14 -29.93
CA ALA B 500 -2.28 19.55 -31.18
C ALA B 500 -2.65 20.60 -32.21
N TRP B 501 -2.57 20.22 -33.49
CA TRP B 501 -2.84 21.23 -34.51
C TRP B 501 -4.32 21.54 -34.77
N PRO B 502 -5.21 20.59 -35.13
CA PRO B 502 -6.56 21.04 -35.50
C PRO B 502 -7.38 21.48 -34.29
N SER B 503 -7.34 20.70 -33.23
CA SER B 503 -8.14 20.91 -32.03
C SER B 503 -7.58 19.99 -30.94
N PRO B 504 -7.79 20.33 -29.67
CA PRO B 504 -7.43 19.39 -28.60
C PRO B 504 -8.33 18.17 -28.51
N TRP B 505 -9.49 18.15 -29.18
CA TRP B 505 -10.39 17.01 -29.10
C TRP B 505 -9.89 15.81 -29.89
N VAL B 506 -8.97 16.01 -30.83
CA VAL B 506 -8.41 14.91 -31.61
C VAL B 506 -7.65 13.93 -30.72
N ILE B 507 -6.79 14.43 -29.85
CA ILE B 507 -5.99 13.59 -28.96
C ILE B 507 -6.88 12.96 -27.91
N VAL B 508 -7.89 13.69 -27.43
CA VAL B 508 -8.81 13.17 -26.41
C VAL B 508 -9.58 11.97 -26.95
N ILE B 509 -10.23 12.14 -28.11
CA ILE B 509 -11.00 11.06 -28.71
C ILE B 509 -10.10 9.91 -29.17
N GLY B 510 -8.93 10.23 -29.74
CA GLY B 510 -8.05 9.18 -30.23
C GLY B 510 -7.41 8.36 -29.12
N SER B 511 -7.01 9.02 -28.04
CA SER B 511 -6.50 8.31 -26.87
C SER B 511 -7.57 7.49 -26.17
N PHE B 512 -8.82 8.00 -26.10
CA PHE B 512 -9.89 7.21 -25.50
C PHE B 512 -10.18 5.95 -26.29
N PHE B 513 -10.31 6.06 -27.62
CA PHE B 513 -10.56 4.87 -28.42
C PHE B 513 -9.34 3.95 -28.49
N SER B 514 -8.13 4.48 -28.40
CA SER B 514 -6.96 3.61 -28.40
C SER B 514 -6.83 2.83 -27.10
N THR B 515 -7.12 3.44 -25.96
CA THR B 515 -7.12 2.67 -24.70
C THR B 515 -8.26 1.66 -24.64
N CYS B 516 -9.44 2.02 -25.16
CA CYS B 516 -10.54 1.05 -25.20
C CYS B 516 -10.25 -0.10 -26.16
N GLY B 517 -9.46 0.14 -27.21
CA GLY B 517 -9.08 -0.96 -28.08
C GLY B 517 -7.96 -1.81 -27.52
N ALA B 518 -6.99 -1.19 -26.84
CA ALA B 518 -5.89 -1.94 -26.25
C ALA B 518 -6.32 -2.74 -25.03
N GLY B 519 -7.41 -2.35 -24.35
CA GLY B 519 -7.97 -3.22 -23.35
C GLY B 519 -8.66 -4.46 -23.92
N LEU B 520 -9.39 -4.29 -25.03
CA LEU B 520 -10.02 -5.42 -25.69
C LEU B 520 -9.00 -6.40 -26.25
N GLN B 521 -7.90 -5.89 -26.81
CA GLN B 521 -6.91 -6.82 -27.35
C GLN B 521 -6.14 -7.56 -26.27
N SER B 522 -5.94 -6.97 -25.09
CA SER B 522 -5.41 -7.73 -23.96
C SER B 522 -6.40 -8.76 -23.43
N LEU B 523 -7.69 -8.42 -23.36
CA LEU B 523 -8.69 -9.39 -22.95
C LEU B 523 -8.97 -10.46 -24.00
N THR B 524 -8.49 -10.30 -25.22
CA THR B 524 -8.49 -11.42 -26.16
C THR B 524 -7.16 -12.17 -26.21
N GLY B 525 -6.07 -11.54 -25.80
CA GLY B 525 -4.77 -12.19 -25.87
C GLY B 525 -4.41 -13.03 -24.67
N ALA B 526 -4.82 -12.61 -23.48
CA ALA B 526 -4.49 -13.39 -22.28
C ALA B 526 -5.30 -14.68 -22.07
N PRO B 527 -6.62 -14.75 -22.37
CA PRO B 527 -7.29 -16.06 -22.30
C PRO B 527 -6.77 -17.09 -23.28
N ARG B 528 -6.33 -16.69 -24.47
CA ARG B 528 -5.72 -17.63 -25.40
C ARG B 528 -4.41 -18.19 -24.84
N LEU B 529 -3.66 -17.37 -24.11
CA LEU B 529 -2.40 -17.85 -23.53
C LEU B 529 -2.65 -18.80 -22.39
N LEU B 530 -3.64 -18.51 -21.55
CA LEU B 530 -3.98 -19.46 -20.48
C LEU B 530 -4.58 -20.75 -21.03
N GLN B 531 -5.38 -20.65 -22.10
CA GLN B 531 -5.84 -21.80 -22.87
C GLN B 531 -4.69 -22.68 -23.34
N ALA B 532 -3.68 -22.07 -23.96
CA ALA B 532 -2.55 -22.81 -24.50
C ALA B 532 -1.67 -23.42 -23.41
N ILE B 533 -1.51 -22.73 -22.27
CA ILE B 533 -0.74 -23.31 -21.18
C ILE B 533 -1.50 -24.46 -20.53
N ALA B 534 -2.83 -24.35 -20.42
CA ALA B 534 -3.61 -25.40 -19.79
C ALA B 534 -3.72 -26.64 -20.68
N LYS B 535 -3.86 -26.46 -21.99
CA LYS B 535 -3.93 -27.61 -22.90
C LYS B 535 -2.59 -28.31 -23.08
N ASP B 536 -1.50 -27.68 -22.64
CA ASP B 536 -0.17 -28.26 -22.78
C ASP B 536 0.11 -29.35 -21.75
N ASN B 537 -0.75 -29.47 -20.73
CA ASN B 537 -0.58 -30.36 -19.57
C ASN B 537 0.74 -30.12 -18.84
N ILE B 538 1.25 -28.89 -18.89
CA ILE B 538 2.52 -28.57 -18.26
C ILE B 538 2.33 -28.37 -16.75
N ILE B 539 1.17 -27.87 -16.35
CA ILE B 539 0.75 -27.77 -14.95
C ILE B 539 -0.69 -28.25 -14.89
N PRO B 540 -0.96 -29.45 -14.39
CA PRO B 540 -2.33 -29.97 -14.39
C PRO B 540 -3.25 -29.25 -13.41
N PHE B 541 -2.67 -28.48 -12.48
CA PHE B 541 -3.41 -27.61 -11.57
C PHE B 541 -4.34 -26.63 -12.32
N LEU B 542 -4.01 -26.29 -13.56
CA LEU B 542 -4.82 -25.40 -14.38
C LEU B 542 -5.66 -26.14 -15.41
N ARG B 543 -5.89 -27.46 -15.21
CA ARG B 543 -6.44 -28.32 -16.26
C ARG B 543 -7.84 -27.89 -16.69
N VAL B 544 -8.63 -27.33 -15.77
CA VAL B 544 -9.99 -26.93 -16.11
C VAL B 544 -10.05 -25.67 -16.96
N PHE B 545 -8.93 -24.97 -17.11
CA PHE B 545 -8.91 -23.76 -17.93
C PHE B 545 -8.51 -24.05 -19.37
N GLY B 546 -8.36 -25.33 -19.73
CA GLY B 546 -8.23 -25.71 -21.12
C GLY B 546 -9.54 -26.07 -21.78
N HIS B 547 -10.64 -25.98 -21.04
CA HIS B 547 -11.96 -26.18 -21.62
C HIS B 547 -12.34 -24.96 -22.45
N GLY B 548 -12.94 -25.19 -23.60
CA GLY B 548 -13.32 -24.09 -24.45
C GLY B 548 -14.64 -24.29 -25.16
N LYS B 549 -14.97 -23.41 -26.08
CA LYS B 549 -16.14 -23.58 -26.92
C LYS B 549 -15.89 -24.61 -28.01
N VAL B 550 -16.88 -24.79 -28.88
CA VAL B 550 -16.68 -25.65 -30.04
C VAL B 550 -15.84 -24.93 -31.09
N ASN B 551 -15.78 -23.60 -31.04
CA ASN B 551 -14.89 -22.86 -31.92
C ASN B 551 -13.44 -23.05 -31.50
N GLY B 552 -13.19 -23.27 -30.21
CA GLY B 552 -11.86 -23.21 -29.63
C GLY B 552 -11.65 -22.00 -28.76
N GLU B 553 -12.62 -21.10 -28.70
CA GLU B 553 -12.52 -19.94 -27.84
C GLU B 553 -12.69 -20.35 -26.39
N PRO B 554 -11.93 -19.74 -25.48
CA PRO B 554 -11.99 -20.19 -24.08
C PRO B 554 -13.22 -19.66 -23.37
N THR B 555 -13.61 -20.39 -22.32
CA THR B 555 -14.74 -20.03 -21.48
C THR B 555 -14.33 -19.77 -20.04
N TRP B 556 -13.55 -20.67 -19.44
CA TRP B 556 -13.14 -20.50 -18.05
C TRP B 556 -11.87 -19.67 -17.91
N ALA B 557 -11.07 -19.54 -18.96
CA ALA B 557 -9.92 -18.65 -18.92
C ALA B 557 -10.33 -17.19 -19.01
N LEU B 558 -11.37 -16.88 -19.79
CA LEU B 558 -11.90 -15.52 -19.87
C LEU B 558 -12.47 -15.03 -18.55
N LEU B 559 -13.09 -15.92 -17.77
CA LEU B 559 -13.56 -15.57 -16.44
C LEU B 559 -12.42 -15.31 -15.46
N LEU B 560 -11.35 -16.10 -15.55
CA LEU B 560 -10.21 -15.88 -14.66
C LEU B 560 -9.46 -14.60 -15.02
N THR B 561 -9.40 -14.24 -16.30
CA THR B 561 -8.83 -12.96 -16.68
C THR B 561 -9.70 -11.80 -16.21
N ALA B 562 -11.02 -11.99 -16.20
CA ALA B 562 -11.90 -10.93 -15.69
C ALA B 562 -11.82 -10.80 -14.19
N LEU B 563 -11.51 -11.89 -13.49
CA LEU B 563 -11.36 -11.80 -12.04
C LEU B 563 -10.00 -11.25 -11.62
N ILE B 564 -8.94 -11.57 -12.35
CA ILE B 564 -7.63 -11.03 -12.01
C ILE B 564 -7.51 -9.56 -12.42
N ALA B 565 -8.08 -9.17 -13.56
CA ALA B 565 -8.10 -7.76 -13.94
C ALA B 565 -9.04 -6.93 -13.08
N GLU B 566 -9.99 -7.54 -12.39
CA GLU B 566 -10.80 -6.84 -11.42
C GLU B 566 -10.00 -6.45 -10.18
N LEU B 567 -9.06 -7.29 -9.75
CA LEU B 567 -8.20 -6.96 -8.63
C LEU B 567 -7.22 -5.84 -8.92
N GLY B 568 -7.01 -5.50 -10.19
CA GLY B 568 -6.20 -4.35 -10.54
C GLY B 568 -7.02 -3.10 -10.71
N ILE B 569 -8.29 -3.27 -11.12
CA ILE B 569 -9.21 -2.14 -11.21
C ILE B 569 -9.55 -1.61 -9.83
N LEU B 570 -9.66 -2.49 -8.82
CA LEU B 570 -10.00 -2.05 -7.48
C LEU B 570 -8.85 -1.34 -6.76
N ILE B 571 -7.68 -1.24 -7.38
CA ILE B 571 -6.63 -0.35 -6.87
C ILE B 571 -6.93 1.08 -7.27
N ALA B 572 -7.57 1.27 -8.43
CA ALA B 572 -8.20 2.49 -8.95
C ALA B 572 -7.24 3.65 -9.20
N SER B 573 -5.96 3.38 -9.49
CA SER B 573 -5.04 4.45 -9.87
C SER B 573 -4.16 3.96 -11.00
N LEU B 574 -3.87 4.85 -11.94
CA LEU B 574 -2.96 4.55 -13.01
C LEU B 574 -1.52 4.41 -12.48
N ASP B 575 -1.16 5.23 -11.48
CA ASP B 575 0.20 5.28 -10.97
C ASP B 575 0.46 4.20 -9.94
N MET B 576 -0.60 3.56 -9.48
CA MET B 576 -0.49 2.46 -8.53
C MET B 576 -0.48 1.09 -9.21
N VAL B 577 -1.13 1.00 -10.36
CA VAL B 577 -1.19 -0.26 -11.12
C VAL B 577 0.06 -0.41 -11.99
N ALA B 578 0.58 0.71 -12.52
CA ALA B 578 1.71 0.63 -13.45
C ALA B 578 3.01 0.00 -12.90
N PRO B 579 3.45 0.20 -11.65
CA PRO B 579 4.62 -0.57 -11.17
C PRO B 579 4.39 -2.06 -11.04
N ILE B 580 3.15 -2.51 -10.88
CA ILE B 580 2.86 -3.94 -10.85
C ILE B 580 3.05 -4.54 -12.23
N LEU B 581 2.62 -3.82 -13.27
CA LEU B 581 2.89 -4.21 -14.64
C LEU B 581 4.38 -4.25 -14.94
N SER B 582 5.11 -3.23 -14.48
CA SER B 582 6.56 -3.25 -14.63
C SER B 582 7.18 -4.46 -13.94
N MET B 583 6.70 -4.80 -12.75
CA MET B 583 7.18 -5.95 -11.99
C MET B 583 6.92 -7.28 -12.70
N PHE B 584 5.80 -7.42 -13.40
CA PHE B 584 5.58 -8.68 -14.12
C PHE B 584 6.32 -8.75 -15.46
N PHE B 585 6.32 -7.67 -16.24
CA PHE B 585 7.02 -7.73 -17.53
C PHE B 585 8.53 -7.79 -17.36
N LEU B 586 9.09 -7.19 -16.31
CA LEU B 586 10.52 -7.34 -16.05
C LEU B 586 10.88 -8.75 -15.60
N MET B 587 10.00 -9.44 -14.89
CA MET B 587 10.26 -10.84 -14.59
C MET B 587 10.21 -11.69 -15.84
N CYS B 588 9.24 -11.45 -16.73
CA CYS B 588 9.17 -12.20 -17.99
C CYS B 588 10.40 -11.97 -18.85
N TYR B 589 10.84 -10.71 -18.97
CA TYR B 589 12.00 -10.40 -19.78
C TYR B 589 13.30 -10.85 -19.10
N LEU B 590 13.29 -11.03 -17.78
CA LEU B 590 14.45 -11.60 -17.11
C LEU B 590 14.53 -13.11 -17.35
N PHE B 591 13.38 -13.80 -17.36
CA PHE B 591 13.43 -15.23 -17.61
C PHE B 591 13.80 -15.55 -19.05
N VAL B 592 13.42 -14.70 -20.00
CA VAL B 592 13.86 -14.91 -21.39
C VAL B 592 15.38 -14.79 -21.52
N ASN B 593 16.00 -13.82 -20.86
CA ASN B 593 17.45 -13.66 -20.91
C ASN B 593 18.20 -14.72 -20.10
N LEU B 594 17.65 -15.14 -18.95
CA LEU B 594 18.17 -16.32 -18.26
C LEU B 594 18.17 -17.55 -19.15
N ALA B 595 17.06 -17.80 -19.82
CA ALA B 595 16.94 -19.00 -20.62
C ALA B 595 17.75 -18.92 -21.91
N CYS B 596 18.13 -17.73 -22.35
CA CYS B 596 19.05 -17.63 -23.48
C CYS B 596 20.52 -17.64 -23.09
N ALA B 597 20.86 -17.33 -21.85
CA ALA B 597 22.25 -17.46 -21.42
C ALA B 597 22.60 -18.84 -20.85
N VAL B 598 21.67 -19.49 -20.15
CA VAL B 598 21.94 -20.79 -19.55
C VAL B 598 22.14 -21.86 -20.63
N GLN B 599 21.34 -21.84 -21.71
CA GLN B 599 21.46 -22.86 -22.74
C GLN B 599 22.78 -22.74 -23.51
N THR B 600 23.33 -21.53 -23.60
CA THR B 600 24.68 -21.39 -24.16
C THR B 600 25.73 -21.85 -23.17
N LEU B 601 25.62 -21.43 -21.92
CA LEU B 601 26.69 -21.72 -20.97
C LEU B 601 26.66 -23.17 -20.48
N LEU B 602 25.51 -23.84 -20.58
CA LEU B 602 25.46 -25.27 -20.27
C LEU B 602 25.79 -26.15 -21.46
N ARG B 603 25.94 -25.55 -22.65
CA ARG B 603 26.29 -26.24 -23.91
C ARG B 603 25.29 -27.34 -24.24
N THR B 604 24.00 -27.02 -24.11
CA THR B 604 22.95 -28.01 -24.35
C THR B 604 22.84 -28.32 -25.85
N PRO B 605 22.41 -29.52 -26.20
CA PRO B 605 22.07 -29.81 -27.60
C PRO B 605 20.76 -29.13 -27.99
N ASN B 606 20.55 -29.08 -29.31
CA ASN B 606 19.39 -28.44 -29.95
C ASN B 606 19.25 -26.96 -29.57
N TRP B 607 20.38 -26.28 -29.34
CA TRP B 607 20.41 -24.83 -29.12
C TRP B 607 21.58 -24.25 -29.93
N ARG B 608 21.29 -23.91 -31.18
CA ARG B 608 22.28 -23.34 -32.11
C ARG B 608 21.61 -22.18 -32.84
N PRO B 609 21.61 -20.98 -32.26
CA PRO B 609 20.92 -19.85 -32.89
C PRO B 609 21.70 -19.28 -34.07
N ARG B 610 21.02 -19.15 -35.21
CA ARG B 610 21.63 -18.64 -36.44
C ARG B 610 21.31 -17.16 -36.63
N PHE B 611 21.67 -16.37 -35.63
CA PHE B 611 21.46 -14.93 -35.66
C PHE B 611 22.82 -14.27 -35.56
N LYS B 612 23.06 -13.28 -36.42
CA LYS B 612 24.40 -12.69 -36.53
C LYS B 612 24.76 -11.90 -35.29
N TYR B 613 23.82 -11.12 -34.77
CA TYR B 613 24.12 -10.17 -33.70
C TYR B 613 23.83 -10.72 -32.32
N TYR B 614 23.87 -12.04 -32.14
CA TYR B 614 23.64 -12.63 -30.83
C TYR B 614 24.95 -13.05 -30.19
N HIS B 615 25.06 -12.83 -28.88
CA HIS B 615 26.19 -13.26 -28.08
C HIS B 615 25.68 -13.45 -26.67
N TRP B 616 26.33 -14.33 -25.90
CA TRP B 616 25.85 -14.63 -24.56
C TRP B 616 26.02 -13.45 -23.60
N ALA B 617 27.01 -12.58 -23.83
CA ALA B 617 27.20 -11.42 -22.98
C ALA B 617 26.08 -10.41 -23.13
N LEU B 618 25.44 -10.32 -24.30
CA LEU B 618 24.30 -9.43 -24.45
C LEU B 618 23.10 -9.93 -23.66
N SER B 619 22.93 -11.25 -23.57
CA SER B 619 21.84 -11.79 -22.78
C SER B 619 22.12 -11.64 -21.29
N PHE B 620 23.39 -11.78 -20.87
CA PHE B 620 23.74 -11.48 -19.48
C PHE B 620 23.54 -10.01 -19.14
N LEU B 621 23.88 -9.11 -20.06
CA LEU B 621 23.69 -7.68 -19.82
C LEU B 621 22.21 -7.33 -19.74
N GLY B 622 21.40 -7.94 -20.60
CA GLY B 622 19.96 -7.72 -20.54
C GLY B 622 19.34 -8.28 -19.28
N MET B 623 19.83 -9.44 -18.83
CA MET B 623 19.35 -10.03 -17.57
C MET B 623 19.68 -9.13 -16.38
N SER B 624 20.91 -8.61 -16.32
CA SER B 624 21.28 -7.71 -15.23
C SER B 624 20.53 -6.39 -15.29
N LEU B 625 20.26 -5.87 -16.50
CA LEU B 625 19.58 -4.59 -16.60
C LEU B 625 18.11 -4.72 -16.24
N CYS B 626 17.46 -5.80 -16.69
CA CYS B 626 16.07 -6.01 -16.33
C CYS B 626 15.91 -6.53 -14.90
N LEU B 627 17.01 -6.94 -14.25
CA LEU B 627 17.01 -7.14 -12.80
C LEU B 627 17.19 -5.85 -12.01
N ALA B 628 18.02 -4.93 -12.50
CA ALA B 628 18.19 -3.65 -11.83
C ALA B 628 16.95 -2.78 -11.92
N LEU B 629 16.25 -2.81 -13.06
CA LEU B 629 14.98 -2.10 -13.18
C LEU B 629 13.90 -2.67 -12.27
N MET B 630 14.00 -3.95 -11.92
CA MET B 630 13.07 -4.57 -10.98
C MET B 630 13.21 -3.99 -9.59
N PHE B 631 14.45 -3.73 -9.15
CA PHE B 631 14.73 -3.06 -7.89
C PHE B 631 14.43 -1.57 -7.95
N VAL B 632 14.57 -0.93 -9.11
CA VAL B 632 14.25 0.47 -9.25
C VAL B 632 12.76 0.74 -9.18
N SER B 633 11.94 -0.09 -9.85
CA SER B 633 10.51 0.21 -9.96
C SER B 633 9.79 0.07 -8.62
N SER B 634 10.02 -1.02 -7.90
CA SER B 634 9.55 -1.15 -6.52
C SER B 634 10.44 -2.19 -5.84
N TRP B 635 11.24 -1.75 -4.88
CA TRP B 635 12.24 -2.62 -4.27
C TRP B 635 11.61 -3.69 -3.36
N TYR B 636 10.47 -3.40 -2.75
CA TYR B 636 9.86 -4.31 -1.78
C TYR B 636 9.32 -5.57 -2.45
N TYR B 637 8.50 -5.41 -3.48
CA TYR B 637 7.92 -6.59 -4.13
C TYR B 637 8.94 -7.34 -4.97
N ALA B 638 9.97 -6.65 -5.44
CA ALA B 638 11.12 -7.32 -6.02
C ALA B 638 11.86 -8.17 -5.00
N LEU B 639 12.00 -7.66 -3.78
CA LEU B 639 12.63 -8.41 -2.70
C LEU B 639 11.77 -9.58 -2.22
N VAL B 640 10.45 -9.50 -2.42
CA VAL B 640 9.57 -10.64 -2.14
C VAL B 640 9.69 -11.70 -3.22
N ALA B 641 9.65 -11.26 -4.49
CA ALA B 641 9.77 -12.18 -5.62
C ALA B 641 11.12 -12.87 -5.68
N MET B 642 12.18 -12.19 -5.23
CA MET B 642 13.48 -12.83 -5.09
C MET B 642 13.47 -13.95 -4.07
N LEU B 643 12.74 -13.79 -2.96
CA LEU B 643 12.61 -14.85 -1.97
C LEU B 643 11.83 -16.04 -2.52
N ILE B 644 10.74 -15.77 -3.25
CA ILE B 644 9.95 -16.85 -3.86
C ILE B 644 10.77 -17.61 -4.89
N ALA B 645 11.54 -16.90 -5.70
CA ALA B 645 12.37 -17.55 -6.72
C ALA B 645 13.53 -18.32 -6.10
N GLY B 646 14.13 -17.78 -5.03
CA GLY B 646 15.17 -18.52 -4.34
C GLY B 646 14.68 -19.69 -3.53
N MET B 647 13.38 -19.74 -3.23
CA MET B 647 12.77 -20.89 -2.58
C MET B 647 12.39 -22.00 -3.56
N ILE B 648 11.88 -21.63 -4.74
CA ILE B 648 11.56 -22.63 -5.77
C ILE B 648 12.85 -23.29 -6.30
N TYR B 649 13.96 -22.56 -6.28
CA TYR B 649 15.25 -23.16 -6.63
C TYR B 649 15.72 -24.15 -5.57
N LYS B 650 15.45 -23.85 -4.29
CA LYS B 650 15.83 -24.79 -3.24
C LYS B 650 14.93 -26.02 -3.22
N TYR B 651 13.74 -25.92 -3.85
CA TYR B 651 12.96 -27.14 -4.06
C TYR B 651 13.60 -28.06 -5.09
N ILE B 652 13.74 -27.60 -6.33
CA ILE B 652 14.33 -28.41 -7.40
C ILE B 652 15.84 -28.32 -7.32
C1 NAG C . -13.72 23.82 17.34
C2 NAG C . -14.93 22.92 17.00
C3 NAG C . -15.48 23.21 15.59
C4 NAG C . -15.74 24.71 15.42
C5 NAG C . -14.41 25.41 15.56
C6 NAG C . -14.50 26.90 15.35
C7 NAG C . -15.25 20.63 17.86
C8 NAG C . -16.46 21.13 18.58
N2 NAG C . -14.57 21.53 17.12
O3 NAG C . -16.69 22.47 15.46
O4 NAG C . -16.44 25.10 14.24
O5 NAG C . -13.96 25.21 16.91
O6 NAG C . -13.70 27.61 16.28
O7 NAG C . -14.90 19.45 17.91
C1 NAG C . -16.16 24.48 12.97
C2 NAG C . -17.45 24.59 12.17
C3 NAG C . -17.27 23.95 10.79
C4 NAG C . -16.06 24.53 10.08
C5 NAG C . -14.83 24.45 10.97
C6 NAG C . -13.61 25.13 10.38
C7 NAG C . -19.61 24.64 13.37
C8 NAG C . -19.62 26.13 13.15
N2 NAG C . -18.56 23.97 12.88
O3 NAG C . -18.44 24.19 10.01
O4 NAG C . -15.81 23.82 8.88
O5 NAG C . -15.09 25.08 12.24
O6 NAG C . -12.49 24.25 10.37
O7 NAG C . -20.53 24.07 13.97
C1 NAG D . -10.66 34.29 26.56
C2 NAG D . -12.01 34.72 26.00
C3 NAG D . -12.28 36.17 26.33
C4 NAG D . -12.15 36.43 27.83
C5 NAG D . -10.81 35.90 28.36
C6 NAG D . -10.69 35.95 29.87
C7 NAG D . -12.99 33.74 23.96
C8 NAG D . -14.03 33.10 24.84
N2 NAG D . -12.06 34.49 24.57
O3 NAG D . -13.59 36.51 25.90
O4 NAG D . -12.17 37.84 28.08
O5 NAG D . -10.63 34.51 27.99
O6 NAG D . -9.54 36.69 30.26
O7 NAG D . -13.00 33.58 22.73
C1 NAG D . -13.35 38.59 28.48
C2 NAG D . -14.41 37.98 29.44
C3 NAG D . -15.31 39.08 30.02
C4 NAG D . -14.49 40.21 30.63
C5 NAG D . -13.58 40.77 29.56
C6 NAG D . -12.70 41.89 30.06
C7 NAG D . -15.53 35.76 29.27
C8 NAG D . -14.94 35.43 30.62
N2 NAG D . -15.23 36.97 28.77
O3 NAG D . -16.16 38.51 31.01
O4 NAG D . -15.36 41.23 31.11
O5 NAG D . -12.72 39.74 29.09
O6 NAG D . -11.33 41.51 30.06
O7 NAG D . -16.24 34.97 28.66
C2 BGC E . -1.37 -1.51 4.59
C3 BGC E . -2.42 -0.48 4.67
C4 BGC E . -2.03 0.89 4.23
C5 BGC E . -1.28 0.84 2.89
C6 BGC E . -0.74 2.21 2.58
C1 BGC E . -0.48 -1.45 3.32
O2 BGC E . -2.07 -2.77 4.65
O3 BGC E . -2.87 -0.43 6.04
O4 BGC E . -3.24 1.66 4.06
O5 BGC E . -0.13 -0.07 2.89
O6 BGC E . -1.30 2.63 1.37
C1 GLC E . -3.37 2.62 5.02
C2 GLC E . -4.40 3.67 4.60
C3 GLC E . -4.65 4.68 5.67
C4 GLC E . -3.45 5.13 6.43
C5 GLC E . -2.15 4.26 6.32
C6 GLC E . -2.03 3.42 7.58
O2 GLC E . -3.88 4.36 3.47
O3 GLC E . -5.66 4.17 6.62
O4 GLC E . -3.15 6.50 6.06
O5 GLC E . -2.10 3.34 5.18
O6 GLC E . -0.67 3.33 7.93
C2 BGC F . -3.36 -1.77 -0.90
C3 BGC F . -4.60 -1.97 -0.14
C4 BGC F . -5.67 -1.23 -0.78
C5 BGC F . -5.90 -1.77 -2.17
C6 BGC F . -6.99 -1.02 -2.87
C1 BGC F . -3.58 -2.31 -2.30
O2 BGC F . -2.29 -2.47 -0.27
O3 BGC F . -4.38 -1.44 1.20
O4 BGC F . -6.89 -1.39 0.01
O5 BGC F . -4.68 -1.62 -2.95
O6 BGC F . -6.62 0.31 -2.84
C1 GLC F . -7.31 -0.13 0.47
C2 GLC F . -7.14 -0.09 1.98
C3 GLC F . -7.57 1.27 2.39
C4 GLC F . -9.03 1.41 2.22
C5 GLC F . -9.52 1.12 0.80
C6 GLC F . -9.60 2.37 0.03
O2 GLC F . -7.96 -1.06 2.58
O3 GLC F . -6.89 2.21 1.51
O4 GLC F . -9.67 0.51 3.12
O5 GLC F . -8.72 0.09 0.05
O6 GLC F . -10.91 2.80 0.03
C1 NAG G . 8.98 30.84 -4.97
C2 NAG G . 10.34 30.09 -5.00
C3 NAG G . 10.89 29.84 -3.59
C4 NAG G . 10.91 31.14 -2.78
C5 NAG G . 9.48 31.60 -2.66
C6 NAG G . 9.33 32.85 -1.83
C7 NAG G . 11.00 28.47 -6.73
C8 NAG G . 12.08 29.43 -7.13
N2 NAG G . 10.20 28.84 -5.72
O3 NAG G . 12.20 29.31 -3.73
O4 NAG G . 11.57 31.10 -1.52
O5 NAG G . 9.01 31.92 -3.98
O6 NAG G . 8.38 33.75 -2.39
O7 NAG G . 10.85 27.39 -7.31
C1 NAG G . 11.44 29.95 -0.65
C2 NAG G . 12.73 29.92 0.17
C3 NAG G . 12.71 28.73 1.13
C4 NAG G . 11.44 28.75 1.98
C5 NAG G . 10.21 28.85 1.09
C6 NAG G . 8.92 29.01 1.87
C7 NAG G . 14.81 30.84 -0.82
C8 NAG G . 14.58 32.07 0.02
N2 NAG G . 13.90 29.86 -0.69
O3 NAG G . 13.85 28.81 1.97
O4 NAG G . 11.36 27.56 2.75
O5 NAG G . 10.32 29.99 0.23
O6 NAG G . 7.97 28.04 1.47
O7 NAG G . 15.78 30.73 -1.56
C1 NAG H . 3.91 43.58 -8.94
C2 NAG H . 5.19 43.95 -8.19
C3 NAG H . 5.21 45.43 -7.86
C4 NAG H . 4.98 46.28 -9.11
C5 NAG H . 3.73 45.81 -9.86
C6 NAG H . 3.55 46.48 -11.21
C7 NAG H . 6.40 42.36 -6.73
C8 NAG H . 7.49 42.34 -7.76
N2 NAG H . 5.34 43.14 -6.99
O3 NAG H . 6.47 45.76 -7.28
O4 NAG H . 4.77 47.64 -8.74
O5 NAG H . 3.80 44.39 -10.13
O6 NAG H . 2.28 47.11 -11.30
O7 NAG H . 6.48 41.70 -5.69
C1 NAG H . 5.79 48.67 -8.73
C2 NAG H . 6.90 48.71 -9.81
C3 NAG H . 7.59 50.08 -9.84
C4 NAG H . 6.57 51.21 -9.94
C5 NAG H . 5.63 51.11 -8.76
C6 NAG H . 4.56 52.17 -8.77
C7 NAG H . 8.37 46.85 -10.57
C8 NAG H . 7.80 47.03 -11.96
N2 NAG H . 7.90 47.66 -9.62
O3 NAG H . 8.48 50.14 -10.94
O4 NAG H . 7.24 52.47 -9.91
O5 NAG H . 4.96 49.85 -8.82
O6 NAG H . 3.27 51.62 -8.98
O7 NAG H . 9.22 46.01 -10.34
C2 BGC I . 3.64 -1.41 0.18
C3 BGC I . 4.86 -1.06 -0.55
C4 BGC I . 5.82 -0.50 0.39
C5 BGC I . 6.19 -1.53 1.43
C6 BGC I . 7.17 -0.99 2.41
C1 BGC I . 3.99 -2.45 1.22
O2 BGC I . 2.68 -1.94 -0.73
O3 BGC I . 4.51 -0.05 -1.54
O4 BGC I . 7.02 -0.10 -0.35
O5 BGC I . 4.98 -1.93 2.15
O6 BGC I . 6.58 0.14 2.94
C1 GLC I . 7.21 1.28 -0.21
C2 GLC I . 6.98 1.94 -1.56
C3 GLC I . 7.17 3.38 -1.33
C4 GLC I . 8.59 3.68 -1.07
C5 GLC I . 9.18 2.89 0.11
C6 GLC I . 9.08 3.70 1.34
O2 GLC I . 7.93 1.46 -2.49
O3 GLC I . 6.37 3.74 -0.16
O4 GLC I . 9.34 3.37 -2.24
O5 GLC I . 8.58 1.53 0.31
O6 GLC I . 10.29 4.28 1.58
C2 BGC J . 1.42 0.84 -4.74
C3 BGC J . 2.30 1.96 -4.34
C4 BGC J . 1.70 2.93 -3.37
C5 BGC J . 1.01 2.19 -2.20
C6 BGC J . 0.27 3.19 -1.36
C1 BGC J . 0.59 0.21 -3.60
O2 BGC J . 2.32 -0.14 -5.32
O3 BGC J . 2.67 2.67 -5.55
O4 BGC J . 2.77 3.74 -2.83
O5 BGC J . 0.04 1.20 -2.63
O6 BGC J . 0.80 3.13 -0.07
C1 GLC J . 2.70 5.02 -3.29
C2 GLC J . 3.57 5.95 -2.42
C3 GLC J . 3.61 7.34 -2.95
C4 GLC J . 2.32 7.88 -3.48
C5 GLC J . 1.19 6.84 -3.81
C6 GLC J . 1.16 6.61 -5.31
O2 GLC J . 2.98 6.00 -1.13
O3 GLC J . 4.65 7.46 -3.99
O4 GLC J . 1.82 8.88 -2.58
O5 GLC J . 1.33 5.53 -3.18
O6 GLC J . -0.17 6.46 -5.71
CL CL K . -3.48 -18.23 18.04
K K L . -1.56 -11.44 21.36
CL CL M . -0.85 -7.66 21.69
C13 DU0 N . 4.18 -21.89 2.76
C15 DU0 N . 6.68 -19.07 3.11
C17 DU0 N . 3.61 -13.11 2.28
C20 DU0 N . 2.58 -10.44 2.33
C21 DU0 N . 2.14 -9.02 2.65
C22 DU0 N . 2.49 -8.08 1.50
C24 DU0 N . 0.94 -6.35 1.23
C26 DU0 N . 1.42 -4.41 2.84
C01 DU0 N . 6.25 -14.70 2.93
C02 DU0 N . 5.46 -14.80 1.61
C03 DU0 N . 3.95 -14.51 1.76
C04 DU0 N . 3.44 -15.72 2.55
C05 DU0 N . 4.19 -16.84 1.84
C06 DU0 N . 5.38 -16.25 1.08
C07 DU0 N . 6.52 -17.24 1.36
C08 DU0 N . 7.35 -17.61 0.11
C09 DU0 N . 5.80 -18.40 2.06
C11 DU0 N . 5.61 -20.62 1.12
C12 DU0 N . 5.57 -21.29 2.50
C14 DU0 N . 5.99 -20.33 3.63
C18 DU0 N . 2.09 -12.90 2.27
C19 DU0 N . 1.73 -11.47 2.50
C25 DU0 N . 0.67 -4.89 1.59
C27 DU0 N . 2.90 -3.99 2.45
C51 DU0 N . 0.63 -3.47 3.85
C75 DU0 N . 3.99 -8.16 1.23
C76 DU0 N . 4.38 -9.60 0.87
C77 DU0 N . 4.04 -10.63 1.96
C78 DU0 N . 4.91 -10.37 3.21
C79 DU0 N . 4.29 -12.05 1.40
C80 DU0 N . 5.77 -12.36 1.16
C81 DU0 N . 6.01 -13.79 0.62
O10 DU0 N . 5.17 -19.29 1.16
O16 DU0 N . 4.74 -17.77 2.72
O23 DU0 N . 2.10 -6.78 1.87
O28 DU0 N . 2.85 -2.71 1.95
O52 DU0 N . 0.73 -2.08 3.54
CL CL O . 5.75 -7.93 -23.96
K K P . 2.63 -0.79 -24.14
CL CL Q . 1.30 2.59 -22.85
C13 DU0 R . -0.64 -18.96 -12.00
C15 DU0 R . -3.58 -16.71 -11.21
C17 DU0 R . -1.49 -11.28 -7.80
C20 DU0 R . -0.92 -8.70 -6.67
C21 DU0 R . -0.73 -7.24 -6.33
C22 DU0 R . -1.19 -6.94 -4.90
C24 DU0 R . 0.07 -5.27 -3.86
C26 DU0 R . -0.79 -2.94 -4.50
C01 DU0 R . -3.87 -12.84 -9.17
C02 DU0 R . -3.03 -13.36 -7.99
C03 DU0 R . -1.59 -12.79 -7.94
C04 DU0 R . -0.92 -13.45 -9.15
C05 DU0 R . -1.45 -14.87 -9.02
C06 DU0 R . -2.69 -14.87 -8.12
C07 DU0 R . -3.65 -15.82 -8.84
C08 DU0 R . -4.37 -16.81 -7.91
C09 DU0 R . -2.79 -16.43 -9.94
C11 DU0 R . -2.20 -18.77 -10.04
C12 DU0 R . -2.10 -18.77 -11.57
C14 DU0 R . -2.72 -17.51 -12.20
C18 DU0 R . -0.03 -10.84 -7.64
C19 DU0 R . 0.08 -9.41 -7.23
C25 DU0 R . 0.08 -3.78 -3.55
C27 DU0 R . -0.19 -1.54 -4.98
C51 DU0 R . -2.30 -2.98 -4.03
C75 DU0 R . -2.64 -7.38 -4.75
C76 DU0 R . -2.78 -8.88 -5.05
C77 DU0 R . -2.32 -9.27 -6.47
C78 DU0 R . -3.26 -8.65 -7.51
C79 DU0 R . -2.30 -10.82 -6.58
C80 DU0 R . -3.71 -11.44 -6.54
C81 DU0 R . -3.69 -12.98 -6.67
O10 DU0 R . -1.98 -17.50 -9.48
O16 DU0 R . -1.87 -15.41 -10.23
O23 DU0 R . -1.03 -5.57 -4.67
O28 DU0 R . -0.51 -0.46 -4.11
O52 DU0 R . -2.44 -2.04 -3.03
#